data_8Z8V
#
_entry.id   8Z8V
#
_cell.length_a   60.290
_cell.length_b   60.900
_cell.length_c   62.810
_cell.angle_alpha   89.51
_cell.angle_beta   63.72
_cell.angle_gamma   76.49
#
_symmetry.space_group_name_H-M   'P 1'
#
loop_
_entity.id
_entity.type
_entity.pdbx_description
1 polymer 'Serum albumin'
2 polymer ALB8:VHH
3 water water
#
loop_
_entity_poly.entity_id
_entity_poly.type
_entity_poly.pdbx_seq_one_letter_code
_entity_poly.pdbx_strand_id
1 'polypeptide(L)'
;DAHKSEVAHRFKDLGEENFKALVLIAFAQYLQQCPFEDHVKLVNEVTEFAKTCVADESAENCDKSLHTLFGDKLCTVATL
RETYGEMADCCAKQEPERNECFLQHKDDNPNLPRLVRPEVDVMCTAFHDNEETFLKKYLYEIARRHPYFYAPELLFFAKR
YKAAFTECCQAADKAACLLPKLDELRDEGKASSAKQRLKCASLQKFGERAFKAWAVARLSQRFPKAEFAEVSKLVTDLTK
VHTECCHGDLLECADDRADLAKYICENQDSISSKLKECCEKPLLEKSHCIAEVENDEMPADLPSLAADFVESKDVCKNYA
EAKDVFLGMFLYEYARRHPDYSVVLLLRLAKTYETTLEKCCAAADPHECYAKVFDEFKPLVEEPQNLIKQNCELFEQLGE
YKFQNALLVRYTKKVPQVSTPTLVEVSRNLGKVGSKCCKHPEAKRMPCAEDYLSVVLNQLCVLHEKTPVSDRVTKCCTES
LVNRRPCFSALEVDETYVPKEFNAETFTFHADICTLSEKERQIKKQTALVELVKHKPKATKEQLKAVMDDFAAFVEKCCK
ADDKETCFAEEGKKLVAASQAALGL
;
A
2 'polypeptide(L)'
;EVQLVESGGGLVQPGNSLRLSCAASGFTFSSFGMSWVRQAPGKGLEWVSSISGSGSDTLYADSVKGRFTISRDNAKTTLY
LQMNSLRPEDTAVYYCTIGGSLSRSSQGTLVTVSSTSHHHHHH
;
B
#
# COMPACT_ATOMS: atom_id res chain seq x y z
N LYS A 4 -29.74 16.42 8.77
CA LYS A 4 -29.84 16.83 10.20
C LYS A 4 -29.13 15.78 11.07
N SER A 5 -29.79 14.65 11.35
CA SER A 5 -29.24 13.55 12.18
C SER A 5 -28.41 12.59 11.31
N GLU A 6 -27.09 12.58 11.52
CA GLU A 6 -26.13 11.64 10.89
C GLU A 6 -26.39 10.21 11.43
N VAL A 7 -26.58 10.04 12.74
CA VAL A 7 -26.80 8.69 13.35
C VAL A 7 -28.07 8.07 12.74
N ALA A 8 -29.08 8.88 12.46
CA ALA A 8 -30.37 8.45 11.86
C ALA A 8 -30.13 8.07 10.39
N HIS A 9 -29.36 8.89 9.69
CA HIS A 9 -28.96 8.71 8.26
C HIS A 9 -28.30 7.32 8.10
N ARG A 10 -27.31 7.01 8.94
CA ARG A 10 -26.55 5.74 8.81
C ARG A 10 -27.43 4.58 9.20
N PHE A 11 -28.18 4.72 10.30
CA PHE A 11 -29.12 3.69 10.80
C PHE A 11 -30.09 3.32 9.69
N LYS A 12 -30.60 4.32 8.97
CA LYS A 12 -31.57 4.13 7.86
C LYS A 12 -30.86 3.44 6.70
N ASP A 13 -29.68 3.93 6.31
CA ASP A 13 -28.91 3.45 5.14
C ASP A 13 -28.53 1.97 5.32
N LEU A 14 -28.06 1.55 6.49
CA LEU A 14 -27.48 0.19 6.69
C LEU A 14 -28.49 -0.78 7.30
N GLY A 15 -29.56 -0.30 7.97
CA GLY A 15 -30.50 -1.19 8.68
C GLY A 15 -29.97 -1.62 10.03
N GLU A 16 -30.87 -1.95 10.96
CA GLU A 16 -30.53 -2.18 12.38
C GLU A 16 -29.40 -3.20 12.50
N GLU A 17 -29.41 -4.26 11.69
CA GLU A 17 -28.48 -5.41 11.91
C GLU A 17 -27.03 -4.95 11.64
N ASN A 18 -26.76 -4.40 10.46
CA ASN A 18 -25.38 -4.03 10.05
C ASN A 18 -24.93 -2.82 10.87
N PHE A 19 -25.82 -1.86 11.14
CA PHE A 19 -25.57 -0.72 12.06
C PHE A 19 -25.01 -1.28 13.39
N LYS A 20 -25.72 -2.22 13.97
CA LYS A 20 -25.43 -2.79 15.32
C LYS A 20 -24.09 -3.54 15.29
N ALA A 21 -23.87 -4.39 14.29
CA ALA A 21 -22.60 -5.12 14.06
C ALA A 21 -21.43 -4.11 13.91
N LEU A 22 -21.62 -3.01 13.18
CA LEU A 22 -20.56 -2.04 12.87
C LEU A 22 -20.20 -1.21 14.11
N VAL A 23 -21.17 -0.88 14.96
CA VAL A 23 -20.91 -0.17 16.25
C VAL A 23 -20.16 -1.12 17.19
N LEU A 24 -20.57 -2.38 17.27
CA LEU A 24 -19.81 -3.38 18.08
C LEU A 24 -18.34 -3.42 17.64
N ILE A 25 -18.09 -3.50 16.34
CA ILE A 25 -16.70 -3.55 15.77
C ILE A 25 -15.92 -2.28 16.16
N ALA A 26 -16.49 -1.09 15.96
CA ALA A 26 -15.89 0.21 16.32
C ALA A 26 -15.44 0.24 17.77
N PHE A 27 -16.34 -0.14 18.69
CA PHE A 27 -16.07 -0.10 20.16
C PHE A 27 -14.96 -1.10 20.48
N ALA A 28 -14.99 -2.28 19.87
CA ALA A 28 -13.99 -3.35 20.12
C ALA A 28 -12.61 -2.91 19.62
N GLN A 29 -12.54 -2.14 18.53
CA GLN A 29 -11.27 -1.72 17.87
C GLN A 29 -10.64 -0.57 18.68
N TYR A 30 -11.46 0.27 19.31
CA TYR A 30 -11.04 1.41 20.17
C TYR A 30 -10.68 0.93 21.58
N LEU A 31 -11.50 0.12 22.26
CA LEU A 31 -11.21 -0.37 23.64
C LEU A 31 -11.04 -1.88 23.61
N GLN A 32 -9.86 -2.36 23.25
CA GLN A 32 -9.58 -3.79 22.92
C GLN A 32 -9.58 -4.65 24.19
N GLN A 33 -9.33 -4.06 25.36
CA GLN A 33 -9.14 -4.79 26.64
C GLN A 33 -10.50 -4.92 27.34
N CYS A 34 -11.52 -4.20 26.87
CA CYS A 34 -12.86 -4.10 27.50
C CYS A 34 -13.66 -5.40 27.28
N PRO A 35 -14.41 -5.84 28.32
CA PRO A 35 -15.20 -7.08 28.25
C PRO A 35 -16.38 -7.03 27.25
N PHE A 36 -16.68 -8.18 26.66
CA PHE A 36 -17.76 -8.35 25.64
C PHE A 36 -19.07 -7.74 26.16
N GLU A 37 -19.45 -8.14 27.38
CA GLU A 37 -20.72 -7.76 28.06
C GLU A 37 -20.85 -6.22 28.06
N ASP A 38 -19.74 -5.53 28.33
CA ASP A 38 -19.72 -4.05 28.50
C ASP A 38 -19.94 -3.39 27.14
N HIS A 39 -19.33 -3.92 26.07
CA HIS A 39 -19.48 -3.38 24.70
C HIS A 39 -20.91 -3.58 24.23
N VAL A 40 -21.44 -4.79 24.43
CA VAL A 40 -22.84 -5.16 24.00
C VAL A 40 -23.83 -4.13 24.58
N LYS A 41 -23.66 -3.74 25.84
CA LYS A 41 -24.50 -2.73 26.54
C LYS A 41 -24.37 -1.36 25.85
N LEU A 42 -23.15 -0.88 25.59
CA LEU A 42 -22.88 0.45 24.96
C LEU A 42 -23.52 0.50 23.57
N VAL A 43 -23.43 -0.60 22.81
CA VAL A 43 -24.05 -0.74 21.46
C VAL A 43 -25.57 -0.63 21.57
N ASN A 44 -26.17 -1.44 22.46
CA ASN A 44 -27.64 -1.45 22.71
C ASN A 44 -28.09 -0.03 23.04
N GLU A 45 -27.41 0.65 23.96
CA GLU A 45 -27.77 2.04 24.37
C GLU A 45 -27.74 2.95 23.14
N VAL A 46 -26.62 3.02 22.44
CA VAL A 46 -26.48 3.86 21.21
C VAL A 46 -27.58 3.51 20.21
N THR A 47 -27.95 2.23 20.11
CA THR A 47 -28.87 1.71 19.06
C THR A 47 -30.31 2.16 19.39
N GLU A 48 -30.72 2.03 20.66
CA GLU A 48 -32.03 2.53 21.15
C GLU A 48 -32.10 4.06 20.90
N PHE A 49 -30.99 4.78 21.11
CA PHE A 49 -30.87 6.24 20.87
C PHE A 49 -31.10 6.54 19.37
N ALA A 50 -30.29 5.94 18.50
CA ALA A 50 -30.38 6.08 17.02
C ALA A 50 -31.84 5.96 16.56
N LYS A 51 -32.61 5.05 17.13
CA LYS A 51 -34.04 4.80 16.76
C LYS A 51 -34.91 6.02 17.15
N THR A 52 -34.68 6.61 18.33
CA THR A 52 -35.34 7.88 18.76
C THR A 52 -35.03 8.96 17.71
N CYS A 53 -33.82 8.97 17.16
CA CYS A 53 -33.37 9.96 16.13
C CYS A 53 -34.01 9.64 14.78
N VAL A 54 -34.23 8.36 14.47
CA VAL A 54 -34.88 7.92 13.19
C VAL A 54 -36.33 8.40 13.23
N ALA A 55 -37.02 8.15 14.35
CA ALA A 55 -38.44 8.49 14.59
C ALA A 55 -38.62 10.01 14.64
N ASP A 56 -37.62 10.75 15.11
CA ASP A 56 -37.73 12.23 15.25
C ASP A 56 -36.34 12.86 15.15
N GLU A 57 -36.05 13.49 14.01
CA GLU A 57 -34.70 13.98 13.61
C GLU A 57 -34.27 15.17 14.47
N SER A 58 -35.23 15.92 15.03
CA SER A 58 -34.99 17.14 15.83
C SER A 58 -34.91 16.80 17.32
N ALA A 59 -35.25 15.56 17.71
CA ALA A 59 -35.02 15.00 19.05
C ALA A 59 -33.61 15.39 19.50
N GLU A 60 -33.45 15.72 20.79
CA GLU A 60 -32.21 16.34 21.31
C GLU A 60 -31.01 15.39 21.05
N ASN A 61 -29.83 15.96 20.72
CA ASN A 61 -28.53 15.26 20.58
C ASN A 61 -28.53 14.33 19.35
N CYS A 62 -29.51 14.43 18.47
CA CYS A 62 -29.56 13.70 17.18
C CYS A 62 -28.83 14.53 16.12
N ASP A 63 -28.56 15.79 16.41
CA ASP A 63 -27.84 16.73 15.52
C ASP A 63 -26.32 16.54 15.70
N LYS A 64 -25.90 15.80 16.71
CA LYS A 64 -24.47 15.61 17.10
C LYS A 64 -23.74 14.76 16.06
N SER A 65 -22.42 14.96 15.93
CA SER A 65 -21.54 14.14 15.06
C SER A 65 -21.41 12.73 15.65
N LEU A 66 -21.16 11.74 14.80
CA LEU A 66 -21.04 10.30 15.22
C LEU A 66 -19.91 10.17 16.25
N HIS A 67 -18.77 10.83 16.01
CA HIS A 67 -17.58 10.83 16.90
C HIS A 67 -17.98 11.32 18.28
N THR A 68 -18.70 12.44 18.35
CA THR A 68 -19.23 12.99 19.62
C THR A 68 -20.05 11.89 20.30
N LEU A 69 -21.06 11.33 19.63
CA LEU A 69 -21.98 10.32 20.23
C LEU A 69 -21.22 9.07 20.65
N PHE A 70 -20.28 8.59 19.84
CA PHE A 70 -19.63 7.27 20.03
C PHE A 70 -18.57 7.39 21.13
N GLY A 71 -17.80 8.48 21.12
CA GLY A 71 -16.74 8.75 22.12
C GLY A 71 -17.32 8.95 23.51
N ASP A 72 -18.46 9.63 23.60
CA ASP A 72 -19.19 9.89 24.87
C ASP A 72 -19.57 8.56 25.49
N LYS A 73 -20.07 7.61 24.69
CA LYS A 73 -20.51 6.29 25.19
C LYS A 73 -19.28 5.49 25.62
N LEU A 74 -18.24 5.43 24.78
CA LEU A 74 -16.94 4.76 25.10
C LEU A 74 -16.40 5.30 26.43
N CYS A 75 -16.37 6.64 26.58
CA CYS A 75 -15.82 7.35 27.77
C CYS A 75 -16.57 7.02 29.08
N THR A 76 -17.80 6.51 29.02
CA THR A 76 -18.52 6.03 30.24
C THR A 76 -17.78 4.83 30.86
N VAL A 77 -16.87 4.17 30.15
CA VAL A 77 -16.23 2.91 30.64
C VAL A 77 -14.69 3.03 30.66
N ALA A 78 -14.09 4.04 30.02
CA ALA A 78 -12.62 4.19 29.94
C ALA A 78 -12.08 4.87 31.21
N ALA A 88 -8.51 6.78 28.06
CA ALA A 88 -8.25 7.31 29.42
C ALA A 88 -7.81 8.78 29.34
N ASP A 89 -6.56 9.04 28.93
CA ASP A 89 -6.05 10.37 28.49
C ASP A 89 -7.02 10.95 27.46
N CYS A 90 -7.55 10.08 26.60
CA CYS A 90 -8.32 10.44 25.40
C CYS A 90 -9.68 10.99 25.82
N CYS A 91 -10.18 10.59 26.97
CA CYS A 91 -11.53 11.03 27.42
C CYS A 91 -11.44 12.42 28.06
N ALA A 92 -10.23 12.91 28.38
CA ALA A 92 -10.00 14.30 28.85
C ALA A 92 -10.06 15.26 27.66
N LYS A 93 -9.68 14.78 26.46
CA LYS A 93 -9.62 15.59 25.22
C LYS A 93 -11.03 15.71 24.63
N GLN A 94 -11.19 16.61 23.67
CA GLN A 94 -12.47 16.90 23.00
C GLN A 94 -12.29 16.65 21.49
N GLU A 95 -13.39 16.44 20.76
CA GLU A 95 -13.35 16.29 19.29
C GLU A 95 -12.75 17.57 18.69
N PRO A 96 -11.92 17.49 17.62
CA PRO A 96 -11.55 16.21 17.00
C PRO A 96 -10.39 15.46 17.69
N GLU A 97 -9.71 16.07 18.66
CA GLU A 97 -8.45 15.53 19.24
C GLU A 97 -8.73 14.15 19.88
N ARG A 98 -9.91 13.96 20.49
CA ARG A 98 -10.30 12.70 21.19
C ARG A 98 -10.22 11.50 20.23
N ASN A 99 -10.92 11.55 19.09
CA ASN A 99 -10.90 10.49 18.04
C ASN A 99 -9.45 10.19 17.65
N GLU A 100 -8.66 11.23 17.39
CA GLU A 100 -7.24 11.09 16.97
C GLU A 100 -6.49 10.31 18.06
N CYS A 101 -6.77 10.62 19.34
CA CYS A 101 -6.16 9.98 20.53
C CYS A 101 -6.53 8.50 20.56
N PHE A 102 -7.82 8.15 20.41
CA PHE A 102 -8.30 6.76 20.27
C PHE A 102 -7.55 6.05 19.13
N LEU A 103 -7.51 6.62 17.93
CA LEU A 103 -6.83 5.99 16.76
C LEU A 103 -5.37 5.71 17.14
N GLN A 104 -4.73 6.66 17.81
CA GLN A 104 -3.28 6.62 18.14
C GLN A 104 -3.02 5.43 19.08
N HIS A 105 -4.00 5.06 19.90
CA HIS A 105 -3.87 4.03 20.96
C HIS A 105 -4.29 2.62 20.47
N LYS A 106 -4.67 2.45 19.21
CA LYS A 106 -4.94 1.08 18.69
C LYS A 106 -3.68 0.22 18.87
N ASP A 107 -3.83 -0.97 19.43
CA ASP A 107 -2.71 -1.91 19.74
C ASP A 107 -2.73 -3.04 18.72
N ASP A 108 -1.70 -3.12 17.88
CA ASP A 108 -1.53 -4.15 16.82
C ASP A 108 -1.23 -5.52 17.42
N ASN A 109 -0.65 -5.56 18.62
CA ASN A 109 -0.27 -6.83 19.28
C ASN A 109 -0.82 -6.78 20.70
N PRO A 110 -2.14 -6.89 20.92
CA PRO A 110 -2.70 -6.72 22.26
C PRO A 110 -2.25 -7.92 23.10
N ASN A 111 -2.00 -7.69 24.39
CA ASN A 111 -1.69 -8.78 25.34
C ASN A 111 -3.02 -9.39 25.78
N LEU A 112 -3.51 -10.39 25.03
CA LEU A 112 -4.86 -11.01 25.21
C LEU A 112 -4.73 -12.52 25.34
N PRO A 113 -5.70 -13.20 25.99
CA PRO A 113 -5.71 -14.67 26.06
C PRO A 113 -5.69 -15.28 24.65
N ARG A 114 -4.77 -16.21 24.38
CA ARG A 114 -4.70 -16.90 23.06
C ARG A 114 -5.99 -17.73 22.94
N LEU A 115 -6.78 -17.50 21.89
CA LEU A 115 -8.20 -17.96 21.86
C LEU A 115 -8.26 -19.43 21.42
N VAL A 116 -8.82 -20.29 22.27
CA VAL A 116 -8.89 -21.77 22.05
C VAL A 116 -10.34 -22.12 21.71
N ARG A 117 -10.56 -23.04 20.79
CA ARG A 117 -11.94 -23.43 20.41
C ARG A 117 -12.29 -24.74 21.11
N PRO A 118 -13.48 -24.81 21.74
CA PRO A 118 -13.89 -25.99 22.47
C PRO A 118 -14.15 -27.12 21.46
N GLU A 119 -14.54 -28.29 21.95
CA GLU A 119 -15.04 -29.43 21.12
C GLU A 119 -16.11 -28.91 20.15
N VAL A 120 -16.28 -29.58 19.02
CA VAL A 120 -17.32 -29.21 18.01
C VAL A 120 -18.72 -29.32 18.62
N ASP A 121 -18.96 -30.33 19.47
CA ASP A 121 -20.24 -30.53 20.19
C ASP A 121 -20.59 -29.30 21.05
N VAL A 122 -19.65 -28.85 21.89
CA VAL A 122 -19.76 -27.61 22.71
C VAL A 122 -20.15 -26.45 21.77
N MET A 123 -19.39 -26.24 20.70
CA MET A 123 -19.55 -25.07 19.81
C MET A 123 -20.91 -25.13 19.15
N CYS A 124 -21.29 -26.28 18.60
CA CYS A 124 -22.57 -26.41 17.88
C CYS A 124 -23.76 -26.16 18.82
N THR A 125 -23.60 -26.52 20.10
CA THR A 125 -24.66 -26.44 21.12
C THR A 125 -24.83 -24.95 21.43
N ALA A 126 -23.72 -24.26 21.73
CA ALA A 126 -23.64 -22.81 21.97
C ALA A 126 -24.30 -22.06 20.80
N PHE A 127 -24.05 -22.50 19.57
CA PHE A 127 -24.62 -21.87 18.36
C PHE A 127 -26.15 -21.98 18.40
N HIS A 128 -26.66 -23.18 18.73
CA HIS A 128 -28.12 -23.44 18.81
C HIS A 128 -28.72 -22.69 20.00
N ASP A 129 -28.08 -22.66 21.17
CA ASP A 129 -28.65 -22.12 22.43
C ASP A 129 -28.63 -20.59 22.42
N ASN A 130 -27.60 -19.99 21.79
CA ASN A 130 -27.33 -18.53 21.89
C ASN A 130 -26.77 -18.01 20.57
N GLU A 131 -27.50 -18.21 19.47
CA GLU A 131 -27.03 -17.90 18.09
C GLU A 131 -26.47 -16.46 18.01
N GLU A 132 -27.28 -15.48 18.38
CA GLU A 132 -26.92 -14.03 18.29
C GLU A 132 -25.70 -13.70 19.17
N THR A 133 -25.67 -14.18 20.42
CA THR A 133 -24.51 -13.96 21.32
C THR A 133 -23.27 -14.62 20.70
N PHE A 134 -23.43 -15.82 20.13
CA PHE A 134 -22.33 -16.62 19.54
C PHE A 134 -21.72 -15.83 18.37
N LEU A 135 -22.53 -15.25 17.49
CA LEU A 135 -22.05 -14.47 16.32
C LEU A 135 -21.48 -13.11 16.77
N LYS A 136 -22.03 -12.49 17.81
CA LYS A 136 -21.50 -11.19 18.32
C LYS A 136 -20.12 -11.39 18.98
N LYS A 137 -19.92 -12.49 19.70
CA LYS A 137 -18.60 -12.84 20.29
C LYS A 137 -17.54 -12.99 19.21
N TYR A 138 -17.89 -13.59 18.07
CA TYR A 138 -17.01 -13.72 16.88
C TYR A 138 -16.53 -12.32 16.43
N LEU A 139 -17.45 -11.40 16.13
CA LEU A 139 -17.14 -10.00 15.71
C LEU A 139 -16.23 -9.35 16.75
N TYR A 140 -16.60 -9.45 18.02
CA TYR A 140 -15.91 -8.78 19.15
C TYR A 140 -14.47 -9.28 19.21
N GLU A 141 -14.27 -10.60 19.21
CA GLU A 141 -12.94 -11.26 19.39
C GLU A 141 -12.04 -10.93 18.20
N ILE A 142 -12.59 -10.94 16.99
CA ILE A 142 -11.81 -10.67 15.75
C ILE A 142 -11.40 -9.19 15.77
N ALA A 143 -12.33 -8.28 16.08
CA ALA A 143 -12.11 -6.82 16.00
C ALA A 143 -11.07 -6.36 17.05
N ARG A 144 -11.12 -6.89 18.28
CA ARG A 144 -10.19 -6.47 19.35
C ARG A 144 -8.80 -7.03 19.09
N ARG A 145 -8.70 -8.19 18.42
CA ARG A 145 -7.37 -8.76 18.05
C ARG A 145 -6.82 -8.02 16.83
N HIS A 146 -7.68 -7.53 15.95
CA HIS A 146 -7.31 -6.94 14.63
C HIS A 146 -7.96 -5.58 14.49
N PRO A 147 -7.42 -4.55 15.16
CA PRO A 147 -8.11 -3.27 15.28
C PRO A 147 -8.21 -2.46 13.97
N TYR A 148 -7.58 -2.95 12.88
CA TYR A 148 -7.61 -2.32 11.53
C TYR A 148 -8.37 -3.22 10.55
N PHE A 149 -8.95 -4.33 11.01
CA PHE A 149 -9.82 -5.21 10.18
C PHE A 149 -10.83 -4.35 9.42
N TYR A 150 -10.91 -4.53 8.11
CA TYR A 150 -11.85 -3.81 7.22
C TYR A 150 -13.26 -4.16 7.66
N ALA A 151 -14.01 -3.22 8.22
CA ALA A 151 -15.25 -3.50 8.99
C ALA A 151 -16.30 -4.13 8.09
N PRO A 152 -16.50 -3.63 6.85
CA PRO A 152 -17.50 -4.23 5.95
C PRO A 152 -17.19 -5.69 5.62
N GLU A 153 -15.93 -6.05 5.35
CA GLU A 153 -15.57 -7.47 5.08
C GLU A 153 -15.74 -8.30 6.35
N LEU A 154 -15.53 -7.74 7.53
CA LEU A 154 -15.77 -8.48 8.80
C LEU A 154 -17.25 -8.88 8.90
N LEU A 155 -18.18 -8.05 8.40
CA LEU A 155 -19.61 -8.40 8.33
C LEU A 155 -19.77 -9.67 7.47
N PHE A 156 -19.08 -9.74 6.34
CA PHE A 156 -19.10 -10.92 5.45
C PHE A 156 -18.50 -12.14 6.14
N PHE A 157 -17.39 -12.02 6.84
CA PHE A 157 -16.75 -13.18 7.53
C PHE A 157 -17.76 -13.79 8.52
N ALA A 158 -18.49 -12.94 9.23
CA ALA A 158 -19.54 -13.29 10.22
C ALA A 158 -20.68 -14.06 9.53
N LYS A 159 -21.11 -13.59 8.36
CA LYS A 159 -22.14 -14.25 7.54
C LYS A 159 -21.65 -15.66 7.19
N ARG A 160 -20.41 -15.83 6.75
CA ARG A 160 -19.87 -17.15 6.33
C ARG A 160 -19.63 -18.02 7.55
N TYR A 161 -19.22 -17.43 8.68
CA TYR A 161 -19.01 -18.13 9.96
C TYR A 161 -20.36 -18.72 10.41
N LYS A 162 -21.47 -18.02 10.15
CA LYS A 162 -22.84 -18.50 10.49
C LYS A 162 -23.21 -19.70 9.58
N ALA A 163 -23.04 -19.57 8.27
CA ALA A 163 -23.36 -20.63 7.27
C ALA A 163 -22.58 -21.91 7.60
N ALA A 164 -21.34 -21.79 8.10
CA ALA A 164 -20.48 -22.92 8.48
C ALA A 164 -21.18 -23.75 9.58
N PHE A 165 -21.63 -23.09 10.66
CA PHE A 165 -22.30 -23.71 11.82
C PHE A 165 -23.70 -24.24 11.44
N THR A 166 -24.46 -23.46 10.67
CA THR A 166 -25.81 -23.86 10.16
C THR A 166 -25.70 -25.20 9.42
N GLU A 167 -24.87 -25.30 8.39
CA GLU A 167 -24.60 -26.57 7.64
C GLU A 167 -24.07 -27.64 8.58
N CYS A 168 -22.91 -27.43 9.19
CA CYS A 168 -22.04 -28.49 9.78
C CYS A 168 -22.63 -29.04 11.08
N CYS A 169 -23.54 -28.32 11.73
CA CYS A 169 -24.12 -28.78 13.02
C CYS A 169 -25.30 -29.73 12.75
N GLN A 170 -25.78 -29.83 11.49
CA GLN A 170 -26.78 -30.83 11.01
C GLN A 170 -26.08 -32.11 10.56
N ALA A 171 -24.83 -32.01 10.13
CA ALA A 171 -24.08 -33.07 9.41
C ALA A 171 -23.94 -34.32 10.29
N ALA A 172 -23.73 -35.47 9.63
CA ALA A 172 -23.44 -36.79 10.21
C ALA A 172 -22.11 -36.73 10.97
N ASP A 173 -21.01 -36.33 10.31
CA ASP A 173 -19.72 -36.00 11.00
C ASP A 173 -19.59 -34.48 11.01
N LYS A 174 -19.92 -33.83 12.14
CA LYS A 174 -19.89 -32.36 12.34
C LYS A 174 -18.46 -31.86 12.22
N ALA A 175 -17.55 -32.41 13.04
CA ALA A 175 -16.12 -32.00 13.12
C ALA A 175 -15.49 -32.02 11.73
N ALA A 176 -15.86 -33.00 10.89
CA ALA A 176 -15.29 -33.19 9.54
C ALA A 176 -15.81 -32.08 8.63
N CYS A 177 -17.07 -31.69 8.81
CA CYS A 177 -17.69 -30.58 8.05
C CYS A 177 -17.05 -29.27 8.52
N LEU A 178 -17.10 -29.02 9.83
CA LEU A 178 -16.92 -27.67 10.43
C LEU A 178 -15.45 -27.27 10.46
N LEU A 179 -14.56 -28.12 10.96
CA LEU A 179 -13.15 -27.74 11.27
C LEU A 179 -12.41 -27.24 10.04
N PRO A 180 -12.47 -27.87 8.84
CA PRO A 180 -11.76 -27.33 7.68
C PRO A 180 -12.29 -25.96 7.23
N LYS A 181 -13.56 -25.66 7.51
CA LYS A 181 -14.19 -24.34 7.19
C LYS A 181 -13.74 -23.28 8.19
N LEU A 182 -13.71 -23.58 9.47
CA LEU A 182 -13.20 -22.59 10.46
C LEU A 182 -11.71 -22.30 10.17
N ASP A 183 -10.98 -23.28 9.63
CA ASP A 183 -9.53 -23.13 9.34
C ASP A 183 -9.34 -22.25 8.09
N GLU A 184 -10.12 -22.47 7.03
CA GLU A 184 -10.14 -21.61 5.82
C GLU A 184 -10.50 -20.16 6.22
N LEU A 185 -11.58 -19.94 6.98
CA LEU A 185 -12.01 -18.59 7.42
C LEU A 185 -10.91 -17.92 8.26
N ARG A 186 -10.31 -18.66 9.20
CA ARG A 186 -9.25 -18.19 10.12
C ARG A 186 -8.06 -17.71 9.28
N ASP A 187 -7.73 -18.45 8.22
CA ASP A 187 -6.54 -18.21 7.38
C ASP A 187 -6.83 -17.00 6.47
N GLU A 188 -8.00 -16.96 5.87
CA GLU A 188 -8.44 -15.84 5.00
C GLU A 188 -8.64 -14.56 5.83
N GLY A 189 -8.98 -14.66 7.11
CA GLY A 189 -9.14 -13.51 8.03
C GLY A 189 -7.81 -12.81 8.27
N LYS A 190 -6.76 -13.61 8.49
CA LYS A 190 -5.37 -13.14 8.72
C LYS A 190 -4.84 -12.48 7.45
N ALA A 191 -5.18 -12.99 6.25
CA ALA A 191 -4.79 -12.39 4.96
C ALA A 191 -5.52 -11.05 4.78
N SER A 192 -6.84 -11.01 4.99
CA SER A 192 -7.69 -9.80 4.88
C SER A 192 -7.15 -8.72 5.84
N SER A 193 -6.79 -9.13 7.05
CA SER A 193 -6.34 -8.23 8.14
C SER A 193 -5.02 -7.57 7.75
N ALA A 194 -4.04 -8.37 7.30
CA ALA A 194 -2.68 -7.93 6.89
C ALA A 194 -2.78 -6.93 5.72
N LYS A 195 -3.64 -7.19 4.75
CA LYS A 195 -3.87 -6.33 3.57
C LYS A 195 -4.48 -5.00 4.01
N GLN A 196 -5.51 -5.05 4.84
CA GLN A 196 -6.15 -3.81 5.32
C GLN A 196 -5.12 -3.05 6.14
N ARG A 197 -4.26 -3.72 6.91
CA ARG A 197 -3.32 -3.01 7.83
C ARG A 197 -2.37 -2.15 6.99
N LEU A 198 -2.02 -2.63 5.79
CA LEU A 198 -1.10 -1.94 4.85
C LEU A 198 -1.84 -0.75 4.22
N LYS A 199 -3.10 -0.90 3.85
CA LYS A 199 -3.91 0.23 3.30
C LYS A 199 -3.93 1.37 4.32
N CYS A 200 -4.15 1.05 5.60
CA CYS A 200 -4.29 2.07 6.66
C CYS A 200 -2.94 2.72 6.93
N ALA A 201 -1.84 1.96 6.96
CA ALA A 201 -0.49 2.51 7.14
C ALA A 201 -0.17 3.47 5.99
N SER A 202 -0.63 3.16 4.78
CA SER A 202 -0.40 4.02 3.59
C SER A 202 -1.11 5.35 3.82
N LEU A 203 -2.42 5.30 4.09
CA LEU A 203 -3.21 6.52 4.33
C LEU A 203 -2.58 7.33 5.47
N GLN A 204 -2.36 6.71 6.63
CA GLN A 204 -2.06 7.41 7.92
C GLN A 204 -0.61 7.91 7.90
N LYS A 205 0.34 7.14 7.36
CA LYS A 205 1.77 7.49 7.40
C LYS A 205 2.20 8.16 6.09
N PHE A 206 1.63 7.85 4.93
CA PHE A 206 2.17 8.36 3.63
C PHE A 206 1.15 9.28 2.93
N GLY A 207 -0.10 9.30 3.37
CA GLY A 207 -1.09 10.30 2.92
C GLY A 207 -1.92 9.75 1.78
N GLU A 208 -2.96 10.50 1.41
CA GLU A 208 -4.02 10.03 0.48
C GLU A 208 -3.44 9.92 -0.94
N ARG A 209 -2.41 10.69 -1.27
CA ARG A 209 -1.75 10.59 -2.60
C ARG A 209 -1.09 9.22 -2.78
N ALA A 210 -0.41 8.70 -1.76
CA ALA A 210 0.21 7.35 -1.75
C ALA A 210 -0.87 6.30 -2.08
N PHE A 211 -2.01 6.35 -1.38
CA PHE A 211 -3.09 5.33 -1.54
C PHE A 211 -3.73 5.46 -2.93
N LYS A 212 -4.07 6.68 -3.34
CA LYS A 212 -4.61 6.99 -4.69
C LYS A 212 -3.72 6.39 -5.78
N ALA A 213 -2.40 6.57 -5.69
CA ALA A 213 -1.44 5.97 -6.65
C ALA A 213 -1.58 4.44 -6.63
N TRP A 214 -1.58 3.80 -5.44
CA TRP A 214 -1.80 2.33 -5.30
C TRP A 214 -3.08 1.95 -6.04
N ALA A 215 -4.18 2.68 -5.82
CA ALA A 215 -5.52 2.37 -6.36
C ALA A 215 -5.51 2.52 -7.89
N VAL A 216 -4.86 3.58 -8.42
CA VAL A 216 -4.81 3.80 -9.89
C VAL A 216 -4.14 2.57 -10.50
N ALA A 217 -3.00 2.14 -9.96
CA ALA A 217 -2.24 0.98 -10.50
C ALA A 217 -3.11 -0.30 -10.47
N ARG A 218 -3.72 -0.61 -9.32
CA ARG A 218 -4.41 -1.90 -9.11
C ARG A 218 -5.65 -1.96 -10.00
N LEU A 219 -6.49 -0.93 -9.98
CA LEU A 219 -7.74 -0.84 -10.76
C LEU A 219 -7.41 -0.82 -12.26
N SER A 220 -6.35 -0.13 -12.67
CA SER A 220 -5.91 -0.15 -14.08
C SER A 220 -5.52 -1.57 -14.50
N GLN A 221 -4.90 -2.38 -13.63
CA GLN A 221 -4.55 -3.78 -13.99
C GLN A 221 -5.83 -4.60 -14.12
N ARG A 222 -6.82 -4.35 -13.25
CA ARG A 222 -8.06 -5.14 -13.16
C ARG A 222 -9.05 -4.73 -14.26
N PHE A 223 -9.13 -3.43 -14.54
CA PHE A 223 -10.15 -2.83 -15.43
C PHE A 223 -9.45 -2.15 -16.60
N PRO A 224 -8.59 -2.86 -17.36
CA PRO A 224 -7.77 -2.26 -18.40
C PRO A 224 -8.53 -1.65 -19.58
N LYS A 225 -9.78 -2.08 -19.79
CA LYS A 225 -10.64 -1.55 -20.89
C LYS A 225 -11.40 -0.32 -20.40
N ALA A 226 -11.33 0.00 -19.10
CA ALA A 226 -11.93 1.24 -18.54
C ALA A 226 -11.14 2.46 -19.01
N GLU A 227 -11.85 3.57 -19.27
CA GLU A 227 -11.23 4.87 -19.63
C GLU A 227 -10.56 5.44 -18.38
N PHE A 228 -9.49 6.24 -18.55
CA PHE A 228 -8.77 6.88 -17.43
C PHE A 228 -9.77 7.58 -16.50
N ALA A 229 -10.75 8.30 -17.06
CA ALA A 229 -11.71 9.12 -16.27
C ALA A 229 -12.60 8.21 -15.40
N GLU A 230 -12.95 7.02 -15.89
CA GLU A 230 -13.72 6.00 -15.12
C GLU A 230 -12.85 5.55 -13.94
N VAL A 231 -11.63 5.08 -14.22
CA VAL A 231 -10.62 4.64 -13.23
C VAL A 231 -10.43 5.73 -12.17
N SER A 232 -10.31 7.01 -12.56
CA SER A 232 -10.09 8.13 -11.59
C SER A 232 -11.28 8.19 -10.66
N LYS A 233 -12.49 8.05 -11.20
CA LYS A 233 -13.73 8.16 -10.41
C LYS A 233 -13.71 7.07 -9.34
N LEU A 234 -13.37 5.84 -9.72
CA LEU A 234 -13.36 4.67 -8.80
C LEU A 234 -12.27 4.89 -7.74
N VAL A 235 -11.13 5.44 -8.14
CA VAL A 235 -9.99 5.69 -7.22
C VAL A 235 -10.47 6.71 -6.18
N THR A 236 -11.11 7.79 -6.61
CA THR A 236 -11.70 8.80 -5.70
C THR A 236 -12.62 8.12 -4.68
N ASP A 237 -13.56 7.31 -5.15
CA ASP A 237 -14.61 6.70 -4.30
C ASP A 237 -13.99 5.65 -3.38
N LEU A 238 -13.07 4.83 -3.90
CA LEU A 238 -12.37 3.78 -3.10
C LEU A 238 -11.48 4.45 -2.03
N THR A 239 -10.76 5.50 -2.39
CA THR A 239 -9.91 6.27 -1.44
C THR A 239 -10.78 6.79 -0.29
N LYS A 240 -11.93 7.39 -0.60
CA LYS A 240 -12.89 7.85 0.44
C LYS A 240 -13.31 6.68 1.34
N VAL A 241 -13.67 5.53 0.78
CA VAL A 241 -14.04 4.35 1.58
C VAL A 241 -12.95 3.99 2.61
N HIS A 242 -11.69 3.85 2.19
CA HIS A 242 -10.58 3.38 3.06
C HIS A 242 -10.15 4.49 4.03
N THR A 243 -10.23 5.76 3.64
CA THR A 243 -9.95 6.89 4.55
C THR A 243 -10.89 6.81 5.76
N GLU A 244 -12.18 6.64 5.50
CA GLU A 244 -13.23 6.55 6.56
C GLU A 244 -12.98 5.31 7.44
N CYS A 245 -12.87 4.13 6.84
CA CYS A 245 -12.59 2.86 7.60
C CYS A 245 -11.32 3.01 8.44
N CYS A 246 -10.21 3.54 7.91
CA CYS A 246 -8.92 3.64 8.64
C CYS A 246 -8.96 4.75 9.69
N HIS A 247 -9.91 5.66 9.60
CA HIS A 247 -10.09 6.77 10.57
C HIS A 247 -11.19 6.41 11.59
N GLY A 248 -11.71 5.18 11.55
CA GLY A 248 -12.70 4.67 12.52
C GLY A 248 -14.11 5.15 12.20
N ASP A 249 -14.29 5.74 11.01
CA ASP A 249 -15.61 6.16 10.49
C ASP A 249 -16.28 4.95 9.81
N LEU A 250 -16.70 3.96 10.60
CA LEU A 250 -17.07 2.60 10.10
C LEU A 250 -18.47 2.62 9.45
N LEU A 251 -19.44 3.32 10.04
CA LEU A 251 -20.82 3.42 9.48
C LEU A 251 -20.76 4.07 8.10
N GLU A 252 -20.02 5.15 7.95
CA GLU A 252 -19.93 5.87 6.65
C GLU A 252 -19.05 5.06 5.68
N CYS A 253 -18.04 4.34 6.16
CA CYS A 253 -17.21 3.44 5.33
C CYS A 253 -18.11 2.36 4.68
N ALA A 254 -18.83 1.57 5.47
CA ALA A 254 -19.76 0.51 5.01
C ALA A 254 -20.83 1.09 4.07
N ASP A 255 -21.42 2.24 4.43
CA ASP A 255 -22.42 2.95 3.60
C ASP A 255 -21.81 3.25 2.23
N ASP A 256 -20.68 3.99 2.21
CA ASP A 256 -20.00 4.42 0.97
C ASP A 256 -19.49 3.21 0.17
N ARG A 257 -19.14 2.09 0.83
CA ARG A 257 -18.67 0.86 0.13
C ARG A 257 -19.86 0.23 -0.61
N ALA A 258 -21.03 0.17 0.04
CA ALA A 258 -22.29 -0.35 -0.56
C ALA A 258 -22.67 0.51 -1.78
N ASP A 259 -22.40 1.81 -1.73
CA ASP A 259 -22.71 2.77 -2.83
C ASP A 259 -21.74 2.55 -4.01
N LEU A 260 -20.48 2.24 -3.74
CA LEU A 260 -19.47 2.02 -4.82
C LEU A 260 -19.78 0.71 -5.54
N ALA A 261 -20.18 -0.33 -4.80
CA ALA A 261 -20.57 -1.64 -5.38
C ALA A 261 -21.79 -1.42 -6.29
N LYS A 262 -22.72 -0.59 -5.84
CA LYS A 262 -23.95 -0.24 -6.61
C LYS A 262 -23.55 0.47 -7.90
N TYR A 263 -22.83 1.60 -7.82
CA TYR A 263 -22.28 2.32 -8.99
C TYR A 263 -21.63 1.33 -9.98
N ILE A 264 -20.68 0.51 -9.51
CA ILE A 264 -19.86 -0.39 -10.36
C ILE A 264 -20.79 -1.34 -11.14
N CYS A 265 -21.75 -1.93 -10.44
CA CYS A 265 -22.68 -2.95 -11.01
C CYS A 265 -23.65 -2.30 -12.00
N GLU A 266 -23.96 -1.02 -11.82
CA GLU A 266 -24.83 -0.26 -12.74
C GLU A 266 -24.03 0.30 -13.92
N ASN A 267 -22.72 0.11 -13.97
CA ASN A 267 -21.87 0.69 -15.04
C ASN A 267 -20.87 -0.35 -15.52
N GLN A 268 -21.26 -1.63 -15.46
CA GLN A 268 -20.40 -2.78 -15.86
C GLN A 268 -19.82 -2.53 -17.25
N ASP A 269 -20.58 -1.92 -18.16
CA ASP A 269 -20.18 -1.67 -19.59
C ASP A 269 -19.01 -0.68 -19.67
N SER A 270 -18.85 0.19 -18.68
CA SER A 270 -17.75 1.21 -18.61
C SER A 270 -16.51 0.68 -17.87
N ILE A 271 -16.57 -0.54 -17.30
CA ILE A 271 -15.59 -1.00 -16.27
C ILE A 271 -14.98 -2.37 -16.65
N SER A 272 -15.79 -3.42 -16.78
CA SER A 272 -15.25 -4.80 -16.89
C SER A 272 -16.33 -5.76 -17.41
N SER A 273 -15.88 -6.82 -18.07
CA SER A 273 -16.72 -7.93 -18.57
C SER A 273 -16.91 -9.01 -17.50
N LYS A 274 -16.22 -8.91 -16.34
CA LYS A 274 -16.08 -10.05 -15.40
C LYS A 274 -17.02 -9.84 -14.19
N LEU A 275 -17.87 -8.82 -14.23
CA LEU A 275 -18.62 -8.37 -13.03
C LEU A 275 -20.01 -9.02 -12.96
N LYS A 276 -20.52 -9.52 -14.10
CA LYS A 276 -21.91 -10.05 -14.27
C LYS A 276 -22.31 -10.95 -13.09
N GLU A 277 -21.55 -12.00 -12.79
CA GLU A 277 -21.92 -12.96 -11.72
C GLU A 277 -21.83 -12.28 -10.36
N CYS A 278 -20.86 -11.36 -10.15
CA CYS A 278 -20.68 -10.65 -8.86
C CYS A 278 -21.91 -9.80 -8.56
N CYS A 279 -22.40 -9.10 -9.58
CA CYS A 279 -23.48 -8.09 -9.45
C CYS A 279 -24.87 -8.76 -9.38
N GLU A 280 -24.96 -10.10 -9.41
CA GLU A 280 -26.21 -10.87 -9.15
C GLU A 280 -26.40 -11.10 -7.65
N LYS A 281 -25.31 -11.08 -6.90
CA LYS A 281 -25.22 -11.63 -5.53
C LYS A 281 -25.81 -10.63 -4.54
N PRO A 282 -26.16 -11.09 -3.31
CA PRO A 282 -26.52 -10.19 -2.20
C PRO A 282 -25.38 -9.24 -1.76
N LEU A 283 -25.74 -8.09 -1.16
CA LEU A 283 -24.86 -6.92 -0.88
C LEU A 283 -23.45 -7.33 -0.39
N LEU A 284 -23.35 -8.05 0.73
CA LEU A 284 -22.03 -8.45 1.29
C LEU A 284 -21.28 -9.39 0.34
N GLU A 285 -21.94 -10.33 -0.33
CA GLU A 285 -21.28 -11.29 -1.26
C GLU A 285 -20.74 -10.50 -2.47
N LYS A 286 -21.54 -9.56 -2.98
CA LYS A 286 -21.26 -8.73 -4.20
C LYS A 286 -20.02 -7.87 -3.98
N SER A 287 -19.99 -7.10 -2.89
CA SER A 287 -18.84 -6.23 -2.50
C SER A 287 -17.56 -7.06 -2.44
N HIS A 288 -17.60 -8.22 -1.78
CA HIS A 288 -16.45 -9.16 -1.67
C HIS A 288 -16.05 -9.68 -3.05
N CYS A 289 -17.01 -10.13 -3.84
CA CYS A 289 -16.80 -10.66 -5.22
C CYS A 289 -16.09 -9.62 -6.11
N ILE A 290 -16.64 -8.40 -6.19
CA ILE A 290 -16.08 -7.26 -6.97
C ILE A 290 -14.62 -7.05 -6.52
N ALA A 291 -14.38 -7.03 -5.22
CA ALA A 291 -13.05 -6.69 -4.66
C ALA A 291 -12.02 -7.73 -5.11
N GLU A 292 -12.43 -8.99 -5.37
CA GLU A 292 -11.49 -10.11 -5.65
C GLU A 292 -11.59 -10.56 -7.10
N VAL A 293 -12.40 -9.88 -7.93
CA VAL A 293 -12.69 -10.23 -9.36
C VAL A 293 -11.37 -10.32 -10.15
N GLU A 294 -11.32 -11.20 -11.15
CA GLU A 294 -10.15 -11.43 -12.04
C GLU A 294 -9.93 -10.19 -12.90
N ASN A 295 -8.68 -9.99 -13.35
CA ASN A 295 -8.32 -8.89 -14.28
C ASN A 295 -9.08 -9.11 -15.58
N ASP A 296 -9.73 -8.09 -16.12
CA ASP A 296 -10.37 -8.17 -17.46
C ASP A 296 -9.28 -8.42 -18.50
N GLU A 297 -9.67 -8.81 -19.71
CA GLU A 297 -8.78 -8.93 -20.90
C GLU A 297 -8.35 -7.51 -21.28
N MET A 298 -7.09 -7.36 -21.64
CA MET A 298 -6.49 -6.09 -22.13
C MET A 298 -7.12 -5.75 -23.48
N PRO A 299 -7.42 -4.47 -23.82
CA PRO A 299 -7.71 -4.10 -25.19
C PRO A 299 -6.50 -4.55 -26.02
N ALA A 300 -6.76 -5.17 -27.18
CA ALA A 300 -5.73 -5.77 -28.06
C ALA A 300 -4.86 -4.66 -28.66
N ASP A 301 -3.57 -4.95 -28.84
CA ASP A 301 -2.59 -4.13 -29.59
C ASP A 301 -2.69 -2.67 -29.14
N LEU A 302 -2.44 -2.43 -27.84
CA LEU A 302 -2.27 -1.06 -27.29
C LEU A 302 -0.90 -0.52 -27.72
N PRO A 303 -0.77 0.75 -28.13
CA PRO A 303 0.53 1.26 -28.56
C PRO A 303 1.58 1.40 -27.43
N SER A 304 2.83 1.61 -27.82
CA SER A 304 3.99 1.89 -26.93
C SER A 304 3.77 3.23 -26.23
N LEU A 305 4.20 3.35 -24.97
CA LEU A 305 4.04 4.58 -24.16
C LEU A 305 5.07 5.64 -24.57
N ALA A 306 6.11 5.25 -25.30
CA ALA A 306 7.28 6.09 -25.61
C ALA A 306 6.82 7.40 -26.25
N ALA A 307 5.81 7.35 -27.12
CA ALA A 307 5.47 8.46 -28.03
C ALA A 307 4.98 9.63 -27.18
N ASP A 308 3.99 9.40 -26.32
CA ASP A 308 3.36 10.48 -25.52
C ASP A 308 4.14 10.81 -24.24
N PHE A 309 5.08 9.97 -23.79
CA PHE A 309 5.63 10.13 -22.42
C PHE A 309 7.14 10.39 -22.46
N VAL A 310 7.85 10.06 -23.55
CA VAL A 310 9.32 10.24 -23.59
C VAL A 310 9.77 10.94 -24.87
N GLU A 311 9.09 10.75 -26.00
CA GLU A 311 9.54 11.28 -27.31
C GLU A 311 8.85 12.61 -27.60
N SER A 312 7.66 12.83 -27.06
CA SER A 312 6.89 14.10 -27.25
C SER A 312 7.66 15.25 -26.61
N LYS A 313 7.67 16.41 -27.27
CA LYS A 313 8.23 17.66 -26.69
C LYS A 313 7.15 18.38 -25.87
N ASP A 314 5.96 17.78 -25.73
CA ASP A 314 4.83 18.34 -24.95
C ASP A 314 4.75 17.75 -23.53
N VAL A 315 5.70 16.91 -23.12
CA VAL A 315 5.66 16.21 -21.79
C VAL A 315 5.54 17.25 -20.65
N CYS A 316 6.41 18.26 -20.61
CA CYS A 316 6.44 19.24 -19.50
C CYS A 316 5.24 20.18 -19.56
N LYS A 317 4.78 20.56 -20.74
CA LYS A 317 3.56 21.40 -20.85
C LYS A 317 2.41 20.60 -20.24
N ASN A 318 2.34 19.30 -20.57
CA ASN A 318 1.22 18.43 -20.15
C ASN A 318 1.32 18.23 -18.64
N TYR A 319 2.55 18.12 -18.13
CA TYR A 319 2.87 17.98 -16.69
C TYR A 319 2.38 19.24 -15.95
N ALA A 320 2.62 20.40 -16.56
CA ALA A 320 2.37 21.74 -16.00
C ALA A 320 0.87 21.95 -15.81
N GLU A 321 0.04 21.54 -16.76
CA GLU A 321 -1.44 21.70 -16.67
C GLU A 321 -1.95 21.07 -15.38
N ALA A 322 -1.49 19.84 -15.05
CA ALA A 322 -1.99 19.04 -13.91
C ALA A 322 -1.01 17.91 -13.61
N LYS A 323 -0.08 18.12 -12.66
CA LYS A 323 1.02 17.16 -12.35
C LYS A 323 0.44 15.77 -12.02
N ASP A 324 -0.51 15.69 -11.09
CA ASP A 324 -1.05 14.40 -10.57
C ASP A 324 -1.90 13.70 -11.62
N VAL A 325 -2.59 14.42 -12.51
CA VAL A 325 -3.46 13.81 -13.54
C VAL A 325 -2.58 13.20 -14.64
N PHE A 326 -1.54 13.93 -15.04
CA PHE A 326 -0.56 13.47 -16.05
C PHE A 326 0.19 12.25 -15.52
N LEU A 327 0.64 12.27 -14.26
CA LEU A 327 1.34 11.12 -13.63
C LEU A 327 0.36 9.96 -13.43
N GLY A 328 -0.90 10.26 -13.09
CA GLY A 328 -2.00 9.28 -13.07
C GLY A 328 -2.18 8.57 -14.40
N MET A 329 -2.18 9.33 -15.51
CA MET A 329 -2.40 8.82 -16.89
C MET A 329 -1.24 7.89 -17.22
N PHE A 330 -0.01 8.29 -16.88
CA PHE A 330 1.20 7.47 -17.11
C PHE A 330 1.04 6.14 -16.34
N LEU A 331 0.69 6.21 -15.05
CA LEU A 331 0.51 4.99 -14.21
C LEU A 331 -0.61 4.11 -14.81
N TYR A 332 -1.76 4.70 -15.10
CA TYR A 332 -2.90 3.99 -15.71
C TYR A 332 -2.41 3.28 -16.98
N GLU A 333 -1.68 4.01 -17.84
CA GLU A 333 -1.31 3.48 -19.17
C GLU A 333 -0.36 2.30 -18.94
N TYR A 334 0.59 2.45 -18.02
CA TYR A 334 1.60 1.41 -17.73
C TYR A 334 0.93 0.20 -17.05
N ALA A 335 0.05 0.44 -16.10
CA ALA A 335 -0.56 -0.64 -15.27
C ALA A 335 -1.48 -1.51 -16.15
N ARG A 336 -2.32 -0.90 -16.99
CA ARG A 336 -3.31 -1.66 -17.81
C ARG A 336 -2.56 -2.59 -18.75
N ARG A 337 -1.33 -2.25 -19.14
CA ARG A 337 -0.53 -3.07 -20.07
C ARG A 337 0.21 -4.18 -19.32
N HIS A 338 0.28 -4.13 -17.98
CA HIS A 338 1.18 -5.05 -17.24
C HIS A 338 0.47 -5.67 -16.03
N PRO A 339 -0.51 -6.57 -16.27
CA PRO A 339 -1.04 -7.42 -15.19
C PRO A 339 0.08 -8.28 -14.60
N ASP A 340 1.21 -8.42 -15.30
CA ASP A 340 2.33 -9.35 -14.97
C ASP A 340 3.37 -8.68 -14.07
N TYR A 341 3.13 -7.42 -13.70
CA TYR A 341 4.02 -6.61 -12.84
C TYR A 341 3.37 -6.46 -11.47
N SER A 342 4.18 -6.40 -10.40
CA SER A 342 3.69 -6.05 -9.05
C SER A 342 3.17 -4.61 -9.06
N VAL A 343 2.15 -4.31 -8.27
CA VAL A 343 1.67 -2.91 -8.06
C VAL A 343 2.83 -2.06 -7.52
N VAL A 344 3.65 -2.58 -6.59
CA VAL A 344 4.78 -1.77 -6.02
C VAL A 344 5.77 -1.47 -7.17
N LEU A 345 5.96 -2.40 -8.12
CA LEU A 345 6.88 -2.18 -9.27
C LEU A 345 6.36 -0.99 -10.10
N LEU A 346 5.10 -1.05 -10.52
CA LEU A 346 4.41 0.03 -11.27
C LEU A 346 4.53 1.36 -10.52
N LEU A 347 4.44 1.37 -9.19
CA LEU A 347 4.54 2.62 -8.40
C LEU A 347 5.99 3.08 -8.41
N ARG A 348 6.94 2.14 -8.42
CA ARG A 348 8.39 2.50 -8.48
C ARG A 348 8.71 3.14 -9.84
N LEU A 349 8.14 2.62 -10.94
CA LEU A 349 8.34 3.17 -12.31
C LEU A 349 7.76 4.58 -12.42
N ALA A 350 6.50 4.78 -11.99
CA ALA A 350 5.82 6.09 -12.01
C ALA A 350 6.61 7.09 -11.14
N LYS A 351 7.09 6.67 -9.97
CA LYS A 351 7.86 7.55 -9.04
C LYS A 351 9.18 7.94 -9.72
N THR A 352 9.85 7.00 -10.40
CA THR A 352 11.05 7.27 -11.23
C THR A 352 10.69 8.30 -12.32
N TYR A 353 9.61 8.05 -13.07
CA TYR A 353 9.15 8.96 -14.14
C TYR A 353 8.99 10.37 -13.52
N GLU A 354 8.30 10.44 -12.38
CA GLU A 354 7.99 11.73 -11.71
C GLU A 354 9.28 12.45 -11.35
N THR A 355 10.25 11.77 -10.73
CA THR A 355 11.51 12.41 -10.30
C THR A 355 12.24 12.88 -11.56
N THR A 356 12.15 12.11 -12.65
CA THR A 356 12.70 12.50 -13.97
C THR A 356 12.06 13.82 -14.47
N LEU A 357 10.76 14.03 -14.34
CA LEU A 357 10.11 15.25 -14.83
C LEU A 357 10.47 16.43 -13.93
N GLU A 358 10.68 16.21 -12.63
CA GLU A 358 10.95 17.29 -11.66
C GLU A 358 12.32 17.90 -12.00
N LYS A 359 13.33 17.05 -12.21
CA LYS A 359 14.70 17.43 -12.67
C LYS A 359 14.62 18.05 -14.07
N CYS A 360 14.03 17.31 -15.01
CA CYS A 360 14.19 17.53 -16.47
C CYS A 360 13.33 18.71 -16.93
N CYS A 361 12.14 18.94 -16.37
CA CYS A 361 11.22 19.99 -16.87
C CYS A 361 11.78 21.38 -16.54
N ALA A 362 12.76 21.48 -15.64
CA ALA A 362 13.47 22.74 -15.30
C ALA A 362 14.65 22.99 -16.27
N ALA A 363 14.98 22.05 -17.18
CA ALA A 363 16.11 22.22 -18.12
C ALA A 363 15.72 23.12 -19.30
N ALA A 364 16.70 23.83 -19.86
CA ALA A 364 16.53 24.59 -21.12
C ALA A 364 15.94 23.67 -22.18
N ASP A 365 16.40 22.42 -22.22
CA ASP A 365 15.98 21.37 -23.18
C ASP A 365 15.47 20.16 -22.40
N PRO A 366 14.22 20.18 -21.88
CA PRO A 366 13.72 19.05 -21.12
C PRO A 366 13.78 17.73 -21.91
N HIS A 367 13.47 17.71 -23.20
CA HIS A 367 13.43 16.47 -24.02
C HIS A 367 14.77 15.74 -23.97
N GLU A 368 15.88 16.49 -24.02
CA GLU A 368 17.24 15.90 -24.02
C GLU A 368 17.41 15.10 -22.73
N CYS A 369 17.01 15.58 -21.55
CA CYS A 369 17.38 14.82 -20.32
C CYS A 369 16.34 13.75 -20.01
N TYR A 370 15.07 13.83 -20.44
CA TYR A 370 14.12 12.73 -20.13
C TYR A 370 14.08 11.66 -21.24
N ALA A 371 14.78 11.86 -22.35
CA ALA A 371 14.66 10.97 -23.54
C ALA A 371 15.01 9.51 -23.20
N LYS A 372 15.87 9.25 -22.21
CA LYS A 372 16.34 7.87 -21.93
C LYS A 372 15.68 7.29 -20.67
N VAL A 373 14.55 7.86 -20.23
CA VAL A 373 13.95 7.45 -18.92
C VAL A 373 13.59 5.95 -18.96
N PHE A 374 13.11 5.41 -20.08
CA PHE A 374 12.69 3.97 -20.20
C PHE A 374 13.92 3.06 -20.00
N ASP A 375 15.13 3.55 -20.30
CA ASP A 375 16.39 2.84 -19.99
C ASP A 375 16.49 2.60 -18.47
N GLU A 376 16.03 3.56 -17.64
CA GLU A 376 16.10 3.51 -16.16
C GLU A 376 15.16 2.43 -15.63
N PHE A 377 14.09 2.12 -16.36
CA PHE A 377 13.09 1.11 -15.96
C PHE A 377 13.66 -0.31 -16.08
N LYS A 378 14.59 -0.59 -17.00
CA LYS A 378 15.03 -1.98 -17.28
C LYS A 378 15.52 -2.59 -15.97
N PRO A 379 16.55 -2.04 -15.30
CA PRO A 379 17.03 -2.64 -14.06
C PRO A 379 15.95 -2.70 -12.96
N LEU A 380 15.03 -1.73 -12.90
CA LEU A 380 13.91 -1.72 -11.91
C LEU A 380 13.01 -2.94 -12.17
N VAL A 381 12.82 -3.34 -13.42
CA VAL A 381 11.94 -4.49 -13.76
C VAL A 381 12.68 -5.80 -13.47
N GLU A 382 13.99 -5.85 -13.74
CA GLU A 382 14.81 -7.09 -13.70
C GLU A 382 15.04 -7.50 -12.26
N GLU A 383 15.23 -6.54 -11.34
CA GLU A 383 15.66 -6.84 -9.95
C GLU A 383 14.59 -7.71 -9.27
N PRO A 384 13.30 -7.34 -9.25
CA PRO A 384 12.27 -8.22 -8.71
C PRO A 384 12.19 -9.59 -9.42
N GLN A 385 12.27 -9.59 -10.76
CA GLN A 385 12.23 -10.83 -11.57
C GLN A 385 13.34 -11.78 -11.09
N ASN A 386 14.54 -11.26 -10.87
CA ASN A 386 15.70 -12.10 -10.46
C ASN A 386 15.56 -12.51 -9.00
N LEU A 387 14.95 -11.67 -8.16
CA LEU A 387 14.69 -12.01 -6.74
C LEU A 387 13.72 -13.19 -6.66
N ILE A 388 12.58 -13.10 -7.34
CA ILE A 388 11.57 -14.17 -7.35
C ILE A 388 12.22 -15.44 -7.90
N LYS A 389 12.86 -15.37 -9.08
CA LYS A 389 13.45 -16.57 -9.72
C LYS A 389 14.35 -17.27 -8.71
N GLN A 390 15.20 -16.48 -8.05
CA GLN A 390 16.31 -16.92 -7.16
C GLN A 390 15.73 -17.58 -5.90
N ASN A 391 14.66 -16.99 -5.36
CA ASN A 391 14.03 -17.44 -4.09
C ASN A 391 13.08 -18.61 -4.37
N CYS A 392 12.51 -18.68 -5.56
CA CYS A 392 11.66 -19.84 -5.93
C CYS A 392 12.51 -21.09 -6.14
N GLU A 393 13.73 -20.94 -6.66
CA GLU A 393 14.66 -22.08 -6.86
C GLU A 393 15.08 -22.59 -5.48
N LEU A 394 15.50 -21.68 -4.59
CA LEU A 394 15.79 -22.06 -3.19
C LEU A 394 14.56 -22.75 -2.58
N PHE A 395 13.35 -22.21 -2.75
CA PHE A 395 12.11 -22.80 -2.19
C PHE A 395 11.97 -24.26 -2.67
N GLU A 396 12.14 -24.51 -3.98
CA GLU A 396 12.00 -25.85 -4.63
C GLU A 396 13.04 -26.81 -4.03
N GLN A 397 14.27 -26.36 -3.82
CA GLN A 397 15.33 -27.16 -3.16
C GLN A 397 14.94 -27.46 -1.70
N LEU A 398 14.56 -26.46 -0.90
CA LEU A 398 14.55 -26.57 0.59
C LEU A 398 13.19 -27.04 1.11
N GLY A 399 12.10 -26.65 0.46
CA GLY A 399 10.75 -26.77 1.01
C GLY A 399 10.46 -25.67 2.03
N GLU A 400 9.19 -25.48 2.37
CA GLU A 400 8.69 -24.30 3.13
C GLU A 400 9.54 -24.10 4.40
N TYR A 401 9.55 -25.10 5.29
CA TYR A 401 10.16 -25.03 6.63
C TYR A 401 11.63 -24.61 6.52
N LYS A 402 12.41 -25.29 5.68
CA LYS A 402 13.86 -24.96 5.51
C LYS A 402 14.02 -23.63 4.76
N PHE A 403 13.07 -23.27 3.89
CA PHE A 403 13.10 -21.95 3.21
C PHE A 403 12.92 -20.84 4.26
N GLN A 404 11.99 -21.02 5.20
CA GLN A 404 11.76 -20.10 6.33
C GLN A 404 13.08 -19.93 7.12
N ASN A 405 13.78 -21.04 7.42
CA ASN A 405 15.03 -21.05 8.22
C ASN A 405 16.10 -20.19 7.50
N ALA A 406 16.20 -20.36 6.19
CA ALA A 406 17.12 -19.59 5.32
C ALA A 406 16.80 -18.10 5.47
N LEU A 407 15.53 -17.70 5.45
CA LEU A 407 15.09 -16.29 5.53
C LEU A 407 15.26 -15.80 6.95
N LEU A 408 15.04 -16.66 7.95
CA LEU A 408 15.27 -16.34 9.38
C LEU A 408 16.69 -15.83 9.59
N VAL A 409 17.66 -16.65 9.17
CA VAL A 409 19.10 -16.36 9.35
C VAL A 409 19.43 -15.05 8.63
N ARG A 410 18.94 -14.91 7.40
CA ARG A 410 19.15 -13.74 6.51
C ARG A 410 18.70 -12.47 7.24
N TYR A 411 17.52 -12.52 7.87
CA TYR A 411 16.88 -11.31 8.44
C TYR A 411 17.44 -11.04 9.83
N THR A 412 17.73 -12.09 10.61
CA THR A 412 18.40 -11.93 11.93
C THR A 412 19.75 -11.23 11.71
N LYS A 413 20.49 -11.59 10.65
CA LYS A 413 21.77 -10.92 10.29
C LYS A 413 21.53 -9.50 9.79
N LYS A 414 20.46 -9.22 9.04
CA LYS A 414 20.16 -7.84 8.60
C LYS A 414 19.85 -6.94 9.81
N VAL A 415 18.96 -7.40 10.70
CA VAL A 415 18.31 -6.53 11.72
C VAL A 415 18.25 -7.29 13.05
N PRO A 416 19.43 -7.60 13.62
CA PRO A 416 19.54 -8.40 14.83
C PRO A 416 18.98 -7.76 16.11
N GLN A 417 18.65 -6.46 16.07
CA GLN A 417 18.08 -5.70 17.23
C GLN A 417 16.61 -6.09 17.36
N VAL A 418 16.00 -6.56 16.28
CA VAL A 418 14.56 -6.92 16.30
C VAL A 418 14.37 -8.09 17.27
N SER A 419 13.27 -8.03 18.01
CA SER A 419 12.78 -9.09 18.94
C SER A 419 12.77 -10.48 18.28
N THR A 420 13.11 -11.54 19.01
CA THR A 420 13.13 -12.92 18.46
C THR A 420 11.73 -13.31 17.96
N PRO A 421 10.65 -13.13 18.74
CA PRO A 421 9.31 -13.53 18.30
C PRO A 421 8.93 -12.78 17.02
N THR A 422 9.33 -11.52 16.88
CA THR A 422 9.05 -10.75 15.64
C THR A 422 9.85 -11.35 14.47
N LEU A 423 11.13 -11.69 14.64
CA LEU A 423 11.94 -12.25 13.52
C LEU A 423 11.31 -13.58 13.09
N VAL A 424 10.89 -14.41 14.04
CA VAL A 424 10.41 -15.76 13.72
C VAL A 424 9.10 -15.62 12.95
N GLU A 425 8.18 -14.78 13.46
CA GLU A 425 6.84 -14.57 12.87
C GLU A 425 7.00 -13.98 11.46
N VAL A 426 7.73 -12.90 11.33
CA VAL A 426 7.89 -12.22 10.00
C VAL A 426 8.58 -13.18 9.02
N SER A 427 9.63 -13.88 9.45
CA SER A 427 10.42 -14.79 8.57
C SER A 427 9.55 -15.97 8.12
N ARG A 428 8.71 -16.52 9.00
CA ARG A 428 7.77 -17.61 8.63
C ARG A 428 6.82 -17.09 7.55
N ASN A 429 6.28 -15.89 7.75
CA ASN A 429 5.37 -15.21 6.78
C ASN A 429 6.08 -14.94 5.46
N LEU A 430 7.30 -14.40 5.50
CA LEU A 430 8.16 -14.25 4.29
C LEU A 430 8.20 -15.60 3.55
N GLY A 431 8.45 -16.71 4.26
CA GLY A 431 8.70 -18.03 3.63
C GLY A 431 7.45 -18.62 3.00
N LYS A 432 6.26 -18.21 3.42
CA LYS A 432 5.00 -18.69 2.81
C LYS A 432 4.87 -18.16 1.38
N VAL A 433 5.68 -17.17 0.98
CA VAL A 433 5.65 -16.68 -0.43
C VAL A 433 5.89 -17.86 -1.37
N GLY A 434 6.82 -18.75 -1.02
CA GLY A 434 7.24 -19.88 -1.87
C GLY A 434 6.05 -20.71 -2.30
N SER A 435 5.26 -21.17 -1.35
CA SER A 435 4.10 -22.08 -1.59
C SER A 435 2.99 -21.32 -2.30
N LYS A 436 2.83 -20.03 -1.99
CA LYS A 436 1.64 -19.29 -2.45
C LYS A 436 1.89 -18.72 -3.85
N CYS A 437 3.13 -18.65 -4.34
CA CYS A 437 3.45 -17.91 -5.60
C CYS A 437 4.29 -18.74 -6.60
N CYS A 438 5.25 -19.50 -6.10
CA CYS A 438 6.26 -20.17 -6.96
C CYS A 438 5.61 -21.21 -7.88
N LYS A 439 4.38 -21.65 -7.61
CA LYS A 439 3.65 -22.63 -8.47
C LYS A 439 3.03 -21.91 -9.68
N HIS A 440 2.83 -20.59 -9.59
CA HIS A 440 2.18 -19.80 -10.67
C HIS A 440 3.13 -19.70 -11.86
N PRO A 441 2.60 -19.50 -13.09
CA PRO A 441 3.45 -19.21 -14.25
C PRO A 441 4.05 -17.80 -14.10
N GLU A 442 5.19 -17.52 -14.75
CA GLU A 442 6.00 -16.30 -14.52
C GLU A 442 5.23 -15.04 -14.94
N ALA A 443 4.04 -15.16 -15.49
CA ALA A 443 3.19 -14.01 -15.86
C ALA A 443 2.28 -13.64 -14.68
N LYS A 444 2.23 -14.48 -13.64
CA LYS A 444 1.43 -14.21 -12.41
C LYS A 444 2.35 -14.12 -11.19
N ARG A 445 3.61 -14.53 -11.30
CA ARG A 445 4.52 -14.70 -10.13
C ARG A 445 4.85 -13.35 -9.48
N MET A 446 5.09 -12.29 -10.25
CA MET A 446 5.63 -11.04 -9.66
C MET A 446 4.58 -10.35 -8.77
N PRO A 447 3.33 -10.11 -9.22
CA PRO A 447 2.33 -9.49 -8.37
C PRO A 447 1.97 -10.36 -7.15
N CYS A 448 1.79 -11.67 -7.36
CA CYS A 448 1.63 -12.67 -6.27
C CYS A 448 2.75 -12.46 -5.22
N ALA A 449 4.01 -12.59 -5.61
CA ALA A 449 5.18 -12.65 -4.70
C ALA A 449 5.44 -11.28 -4.09
N GLU A 450 5.60 -10.25 -4.92
CA GLU A 450 6.16 -8.98 -4.41
C GLU A 450 5.09 -8.19 -3.63
N ASP A 451 3.82 -8.23 -4.05
CA ASP A 451 2.77 -7.49 -3.29
C ASP A 451 2.50 -8.25 -1.99
N TYR A 452 2.60 -9.58 -1.98
CA TYR A 452 2.51 -10.36 -0.71
C TYR A 452 3.66 -9.95 0.22
N LEU A 453 4.90 -9.89 -0.28
CA LEU A 453 6.10 -9.46 0.51
C LEU A 453 5.88 -8.06 1.10
N SER A 454 5.25 -7.14 0.37
CA SER A 454 4.97 -5.76 0.86
C SER A 454 4.05 -5.84 2.10
N VAL A 455 3.06 -6.72 2.04
CA VAL A 455 2.11 -6.95 3.16
C VAL A 455 2.86 -7.47 4.39
N VAL A 456 3.78 -8.42 4.20
CA VAL A 456 4.52 -9.05 5.33
C VAL A 456 5.54 -8.03 5.91
N LEU A 457 6.20 -7.26 5.06
CA LEU A 457 7.21 -6.32 5.58
C LEU A 457 6.47 -5.18 6.32
N ASN A 458 5.24 -4.84 5.90
CA ASN A 458 4.40 -3.86 6.66
C ASN A 458 4.15 -4.43 8.07
N GLN A 459 3.99 -5.74 8.18
CA GLN A 459 3.77 -6.40 9.50
C GLN A 459 5.01 -6.15 10.38
N LEU A 460 6.23 -6.39 9.86
CA LEU A 460 7.51 -6.05 10.52
C LEU A 460 7.51 -4.58 10.97
N CYS A 461 7.28 -3.63 10.04
CA CYS A 461 7.25 -2.17 10.31
C CYS A 461 6.27 -1.87 11.48
N VAL A 462 5.06 -2.42 11.50
CA VAL A 462 4.06 -2.08 12.57
C VAL A 462 4.41 -2.79 13.88
N LEU A 463 4.90 -4.04 13.88
CA LEU A 463 5.36 -4.68 15.15
C LEU A 463 6.55 -3.93 15.76
N HIS A 464 7.33 -3.18 14.96
CA HIS A 464 8.61 -2.60 15.43
C HIS A 464 8.40 -1.14 15.84
N GLU A 465 7.30 -0.53 15.41
CA GLU A 465 7.02 0.93 15.45
C GLU A 465 7.03 1.44 16.90
N LYS A 466 6.33 0.75 17.81
CA LYS A 466 6.14 1.25 19.20
C LYS A 466 7.51 1.45 19.86
N THR A 467 8.41 0.46 19.81
CA THR A 467 9.78 0.56 20.38
C THR A 467 10.80 0.30 19.28
N PRO A 468 11.07 1.31 18.42
CA PRO A 468 11.91 1.10 17.23
C PRO A 468 13.41 0.99 17.55
N VAL A 469 13.84 -0.21 17.95
CA VAL A 469 15.24 -0.53 18.36
C VAL A 469 16.17 -0.61 17.14
N SER A 470 15.70 -1.05 15.97
CA SER A 470 16.53 -1.18 14.75
C SER A 470 16.37 0.08 13.92
N ASP A 471 17.42 0.90 13.85
CA ASP A 471 17.48 2.10 12.99
C ASP A 471 17.21 1.71 11.52
N ARG A 472 17.69 0.55 11.08
CA ARG A 472 17.62 0.16 9.65
C ARG A 472 16.20 -0.31 9.33
N VAL A 473 15.50 -0.96 10.27
CA VAL A 473 14.05 -1.21 10.08
C VAL A 473 13.32 0.14 9.95
N THR A 474 13.64 1.12 10.81
CA THR A 474 12.91 2.41 10.84
C THR A 474 13.11 3.09 9.49
N LYS A 475 14.36 3.14 9.02
CA LYS A 475 14.73 3.81 7.75
C LYS A 475 13.94 3.18 6.60
N CYS A 476 14.12 1.86 6.43
CA CYS A 476 13.45 1.09 5.35
C CYS A 476 11.93 1.30 5.42
N CYS A 477 11.34 1.37 6.62
CA CYS A 477 9.87 1.51 6.81
C CYS A 477 9.42 2.95 6.50
N THR A 478 10.22 3.98 6.84
CA THR A 478 9.76 5.40 6.79
C THR A 478 10.19 6.12 5.51
N GLU A 479 11.26 5.70 4.84
CA GLU A 479 11.85 6.44 3.69
C GLU A 479 10.90 6.45 2.49
N SER A 480 10.27 5.32 2.19
CA SER A 480 9.48 5.17 0.94
C SER A 480 8.75 3.84 1.01
N LEU A 481 7.42 3.93 1.09
CA LEU A 481 6.43 2.82 1.11
C LEU A 481 6.72 1.83 -0.03
N VAL A 482 7.01 2.37 -1.20
CA VAL A 482 7.07 1.63 -2.49
C VAL A 482 8.45 1.01 -2.66
N ASN A 483 9.46 1.50 -1.92
CA ASN A 483 10.87 1.01 -1.95
C ASN A 483 11.16 0.05 -0.78
N ARG A 484 10.19 -0.19 0.09
CA ARG A 484 10.36 -1.03 1.29
C ARG A 484 11.00 -2.37 0.93
N ARG A 485 10.47 -3.08 -0.06
CA ARG A 485 10.97 -4.44 -0.34
C ARG A 485 12.42 -4.38 -0.81
N PRO A 486 12.77 -3.61 -1.88
CA PRO A 486 14.16 -3.44 -2.30
C PRO A 486 15.08 -3.01 -1.15
N CYS A 487 14.61 -2.08 -0.31
CA CYS A 487 15.38 -1.51 0.84
C CYS A 487 15.77 -2.66 1.80
N PHE A 488 14.83 -3.54 2.14
CA PHE A 488 15.11 -4.69 3.05
C PHE A 488 16.08 -5.66 2.34
N SER A 489 15.87 -5.89 1.05
CA SER A 489 16.61 -6.88 0.22
C SER A 489 18.07 -6.44 0.17
N ALA A 490 18.32 -5.15 0.07
CA ALA A 490 19.67 -4.58 -0.09
C ALA A 490 20.39 -4.53 1.26
N LEU A 491 19.71 -4.66 2.40
CA LEU A 491 20.40 -4.53 3.72
C LEU A 491 21.51 -5.57 3.83
N GLU A 492 22.71 -5.13 4.21
CA GLU A 492 23.90 -5.99 4.40
C GLU A 492 23.78 -6.69 5.75
N VAL A 493 24.66 -7.67 6.02
CA VAL A 493 24.82 -8.18 7.40
C VAL A 493 25.22 -6.99 8.26
N ASP A 494 24.61 -6.84 9.45
CA ASP A 494 24.90 -5.72 10.39
C ASP A 494 26.24 -6.00 11.07
N GLU A 495 27.29 -5.29 10.70
CA GLU A 495 28.68 -5.49 11.21
C GLU A 495 28.85 -4.83 12.58
N THR A 496 27.99 -3.86 12.90
CA THR A 496 28.01 -3.01 14.13
C THR A 496 27.39 -3.74 15.34
N TYR A 497 26.58 -4.78 15.13
CA TYR A 497 25.81 -5.42 16.23
C TYR A 497 26.79 -6.05 17.22
N VAL A 498 26.61 -5.77 18.52
CA VAL A 498 27.39 -6.47 19.58
C VAL A 498 26.60 -7.73 19.92
N PRO A 499 27.21 -8.93 19.71
CA PRO A 499 26.55 -10.20 20.01
C PRO A 499 25.89 -10.23 21.40
N LYS A 500 24.71 -10.84 21.53
CA LYS A 500 24.05 -10.98 22.86
C LYS A 500 24.61 -12.25 23.51
N GLU A 501 24.50 -12.33 24.84
CA GLU A 501 24.88 -13.51 25.66
C GLU A 501 23.91 -14.66 25.32
N PHE A 502 24.37 -15.90 25.37
CA PHE A 502 23.61 -17.13 25.05
C PHE A 502 23.09 -17.77 26.35
N ASN A 503 21.78 -17.85 26.57
CA ASN A 503 21.18 -18.65 27.68
C ASN A 503 21.18 -20.12 27.24
N ALA A 504 21.75 -21.01 28.06
CA ALA A 504 21.86 -22.47 27.80
C ALA A 504 20.47 -23.06 27.55
N GLU A 505 19.46 -22.45 28.18
CA GLU A 505 18.05 -22.90 28.15
C GLU A 505 17.56 -22.97 26.71
N THR A 506 18.11 -22.15 25.83
CA THR A 506 17.84 -22.13 24.37
C THR A 506 17.75 -23.56 23.82
N PHE A 507 18.70 -24.44 24.17
CA PHE A 507 18.83 -25.81 23.61
C PHE A 507 18.35 -26.85 24.62
N THR A 508 17.76 -26.44 25.75
CA THR A 508 17.29 -27.36 26.81
C THR A 508 15.77 -27.48 26.72
N PHE A 509 15.28 -28.52 26.06
CA PHE A 509 13.83 -28.79 25.90
C PHE A 509 13.36 -29.79 26.95
N HIS A 510 12.03 -29.93 27.10
CA HIS A 510 11.37 -30.88 28.04
C HIS A 510 10.41 -31.80 27.25
N ALA A 511 9.99 -32.89 27.90
CA ALA A 511 9.20 -34.03 27.39
C ALA A 511 7.95 -33.55 26.63
N ASP A 512 7.21 -32.58 27.17
CA ASP A 512 5.95 -32.06 26.57
C ASP A 512 6.20 -31.48 25.15
N ILE A 513 7.46 -31.24 24.76
CA ILE A 513 7.77 -30.78 23.38
C ILE A 513 7.24 -31.85 22.40
N CYS A 514 7.23 -33.11 22.83
CA CYS A 514 6.81 -34.28 22.01
C CYS A 514 5.30 -34.23 21.76
N THR A 515 4.56 -33.51 22.60
CA THR A 515 3.09 -33.44 22.58
C THR A 515 2.63 -32.27 21.68
N LEU A 516 3.51 -31.34 21.33
CA LEU A 516 3.18 -30.14 20.50
C LEU A 516 2.99 -30.53 19.03
N SER A 517 2.32 -29.66 18.27
CA SER A 517 2.13 -29.80 16.80
C SER A 517 3.47 -29.69 16.10
N GLU A 518 3.52 -30.11 14.84
CA GLU A 518 4.70 -29.95 13.94
C GLU A 518 5.08 -28.46 13.87
N LYS A 519 4.06 -27.58 13.78
CA LYS A 519 4.22 -26.11 13.60
C LYS A 519 4.88 -25.53 14.87
N GLU A 520 4.38 -25.91 16.03
CA GLU A 520 4.95 -25.45 17.33
C GLU A 520 6.38 -25.98 17.46
N ARG A 521 6.67 -27.23 17.07
CA ARG A 521 8.05 -27.76 17.22
C ARG A 521 8.98 -26.95 16.31
N GLN A 522 8.55 -26.63 15.11
CA GLN A 522 9.36 -25.81 14.17
C GLN A 522 9.67 -24.45 14.79
N ILE A 523 8.65 -23.78 15.36
CA ILE A 523 8.77 -22.44 16.00
C ILE A 523 9.78 -22.50 17.14
N LYS A 524 9.78 -23.57 17.93
CA LYS A 524 10.77 -23.80 19.01
C LYS A 524 12.20 -23.86 18.41
N LYS A 525 12.36 -24.59 17.32
CA LYS A 525 13.67 -24.75 16.63
C LYS A 525 14.05 -23.42 15.96
N GLN A 526 13.08 -22.69 15.43
CA GLN A 526 13.34 -21.39 14.75
C GLN A 526 13.77 -20.36 15.81
N THR A 527 13.11 -20.38 16.96
CA THR A 527 13.41 -19.50 18.10
C THR A 527 14.88 -19.72 18.49
N ALA A 528 15.30 -20.99 18.60
CA ALA A 528 16.67 -21.35 19.03
C ALA A 528 17.68 -20.86 17.97
N LEU A 529 17.40 -21.09 16.69
CA LEU A 529 18.25 -20.64 15.53
C LEU A 529 18.48 -19.12 15.61
N VAL A 530 17.43 -18.32 15.82
CA VAL A 530 17.59 -16.85 15.97
C VAL A 530 18.54 -16.58 17.14
N GLU A 531 18.38 -17.28 18.26
CA GLU A 531 19.15 -17.00 19.50
C GLU A 531 20.62 -17.34 19.26
N LEU A 532 20.87 -18.39 18.46
CA LEU A 532 22.23 -18.76 18.00
C LEU A 532 22.82 -17.60 17.20
N VAL A 533 22.12 -17.15 16.15
CA VAL A 533 22.67 -16.13 15.22
C VAL A 533 22.98 -14.86 16.03
N LYS A 534 22.06 -14.40 16.88
CA LYS A 534 22.25 -13.21 17.72
C LYS A 534 23.52 -13.37 18.58
N HIS A 535 23.86 -14.59 19.02
CA HIS A 535 25.08 -14.88 19.81
C HIS A 535 26.34 -14.99 18.92
N LYS A 536 26.21 -15.50 17.69
CA LYS A 536 27.35 -15.81 16.79
C LYS A 536 27.00 -15.32 15.39
N PRO A 537 26.88 -13.99 15.17
CA PRO A 537 26.36 -13.46 13.91
C PRO A 537 27.29 -13.72 12.72
N LYS A 538 28.53 -14.15 12.97
CA LYS A 538 29.57 -14.48 11.96
C LYS A 538 29.47 -15.95 11.56
N ALA A 539 28.59 -16.73 12.20
CA ALA A 539 28.45 -18.19 11.97
C ALA A 539 28.07 -18.44 10.50
N THR A 540 28.72 -19.42 9.86
CA THR A 540 28.49 -19.85 8.45
C THR A 540 27.09 -20.47 8.31
N LYS A 541 26.50 -20.41 7.11
CA LYS A 541 25.28 -21.19 6.78
C LYS A 541 25.56 -22.66 7.07
N GLU A 542 26.75 -23.16 6.72
CA GLU A 542 27.17 -24.57 6.93
C GLU A 542 27.19 -24.84 8.44
N GLN A 543 27.78 -23.95 9.23
CA GLN A 543 27.92 -24.18 10.69
C GLN A 543 26.51 -24.20 11.31
N LEU A 544 25.61 -23.30 10.87
CA LEU A 544 24.24 -23.20 11.43
C LEU A 544 23.44 -24.42 10.99
N LYS A 545 23.72 -24.97 9.80
CA LYS A 545 23.04 -26.20 9.25
C LYS A 545 23.43 -27.41 10.10
N ALA A 546 24.70 -27.59 10.42
CA ALA A 546 25.19 -28.67 11.32
C ALA A 546 24.43 -28.59 12.64
N VAL A 547 24.46 -27.43 13.29
CA VAL A 547 23.83 -27.26 14.64
C VAL A 547 22.36 -27.63 14.51
N MET A 548 21.69 -27.15 13.46
CA MET A 548 20.23 -27.31 13.33
C MET A 548 19.91 -28.77 13.01
N ASP A 549 20.76 -29.46 12.25
CA ASP A 549 20.56 -30.91 11.93
C ASP A 549 20.68 -31.74 13.20
N ASP A 550 21.67 -31.44 14.05
CA ASP A 550 21.86 -32.11 15.37
C ASP A 550 20.61 -31.89 16.24
N PHE A 551 20.05 -30.68 16.25
CA PHE A 551 18.83 -30.28 17.00
C PHE A 551 17.65 -31.19 16.61
N ALA A 552 17.32 -31.21 15.31
CA ALA A 552 16.30 -32.11 14.75
C ALA A 552 16.56 -33.55 15.22
N ALA A 553 17.80 -34.02 15.08
CA ALA A 553 18.19 -35.42 15.41
C ALA A 553 17.94 -35.70 16.90
N PHE A 554 18.27 -34.75 17.77
CA PHE A 554 18.18 -34.90 19.24
C PHE A 554 16.68 -34.96 19.62
N VAL A 555 15.81 -34.13 19.02
CA VAL A 555 14.37 -34.10 19.41
C VAL A 555 13.71 -35.41 18.95
N GLU A 556 13.97 -35.87 17.73
CA GLU A 556 13.43 -37.15 17.23
C GLU A 556 13.85 -38.30 18.16
N LYS A 557 15.14 -38.38 18.50
CA LYS A 557 15.70 -39.44 19.36
C LYS A 557 15.05 -39.37 20.75
N CYS A 558 14.94 -38.18 21.34
CA CYS A 558 14.48 -38.02 22.75
C CYS A 558 12.98 -38.29 22.86
N CYS A 559 12.20 -37.94 21.83
CA CYS A 559 10.73 -38.15 21.82
C CYS A 559 10.40 -39.64 21.64
N LYS A 560 11.35 -40.46 21.18
CA LYS A 560 11.22 -41.94 21.07
C LYS A 560 11.56 -42.64 22.39
N ALA A 561 12.35 -42.03 23.26
CA ALA A 561 12.90 -42.66 24.50
C ALA A 561 11.82 -42.85 25.57
N ASP A 562 12.06 -43.81 26.50
CA ASP A 562 11.24 -44.10 27.70
C ASP A 562 11.42 -43.00 28.75
N ASP A 563 12.67 -42.63 29.06
CA ASP A 563 13.00 -41.50 29.97
C ASP A 563 13.30 -40.25 29.12
N LYS A 564 12.26 -39.50 28.74
CA LYS A 564 12.36 -38.38 27.78
C LYS A 564 13.04 -37.19 28.46
N GLU A 565 12.67 -36.90 29.71
CA GLU A 565 13.21 -35.72 30.45
C GLU A 565 14.73 -35.87 30.56
N THR A 566 15.21 -37.02 31.02
CA THR A 566 16.66 -37.38 31.04
C THR A 566 17.31 -37.15 29.67
N CYS A 567 16.72 -37.70 28.61
CA CYS A 567 17.32 -37.73 27.25
C CYS A 567 17.60 -36.28 26.87
N PHE A 568 16.58 -35.43 26.92
CA PHE A 568 16.66 -33.99 26.56
C PHE A 568 17.77 -33.32 27.36
N ALA A 569 17.84 -33.55 28.67
CA ALA A 569 18.82 -32.92 29.59
C ALA A 569 20.23 -33.15 29.03
N GLU A 570 20.61 -34.42 28.91
CA GLU A 570 21.95 -34.89 28.45
C GLU A 570 22.25 -34.30 27.07
N GLU A 571 21.35 -34.51 26.11
CA GLU A 571 21.53 -34.13 24.68
C GLU A 571 21.63 -32.60 24.57
N GLY A 572 20.93 -31.87 25.43
CA GLY A 572 21.07 -30.41 25.56
C GLY A 572 22.52 -30.05 25.84
N LYS A 573 23.11 -30.71 26.84
CA LYS A 573 24.52 -30.47 27.29
C LYS A 573 25.46 -30.83 26.13
N LYS A 574 25.23 -31.97 25.49
CA LYS A 574 25.99 -32.42 24.28
C LYS A 574 25.94 -31.33 23.21
N LEU A 575 24.74 -30.80 22.93
CA LEU A 575 24.52 -29.83 21.82
C LEU A 575 25.26 -28.54 22.15
N VAL A 576 25.08 -28.03 23.38
CA VAL A 576 25.79 -26.82 23.87
C VAL A 576 27.30 -27.07 23.71
N ALA A 577 27.78 -28.22 24.17
CA ALA A 577 29.20 -28.62 24.10
C ALA A 577 29.66 -28.60 22.63
N ALA A 578 28.98 -29.34 21.75
CA ALA A 578 29.27 -29.44 20.30
C ALA A 578 29.22 -28.05 19.66
N SER A 579 28.18 -27.26 19.98
CA SER A 579 27.98 -25.86 19.54
C SER A 579 29.27 -25.07 19.85
N GLN A 580 29.63 -24.99 21.13
CA GLN A 580 30.82 -24.24 21.64
C GLN A 580 32.09 -24.78 20.98
N ALA A 581 32.14 -26.09 20.70
CA ALA A 581 33.24 -26.75 19.96
C ALA A 581 33.38 -26.11 18.57
N ALA A 582 32.29 -26.04 17.81
CA ALA A 582 32.25 -25.57 16.41
C ALA A 582 32.42 -24.04 16.33
N LEU A 583 31.69 -23.26 17.14
CA LEU A 583 31.61 -21.78 16.99
C LEU A 583 32.14 -21.03 18.22
N GLY A 584 32.14 -21.64 19.41
CA GLY A 584 32.76 -21.06 20.63
C GLY A 584 31.76 -20.86 21.76
N LEU A 585 32.24 -20.43 22.94
CA LEU A 585 31.40 -20.16 24.15
C LEU A 585 30.46 -19.00 23.85
N GLU B 1 -5.35 26.02 -14.44
CA GLU B 1 -5.01 25.93 -15.90
C GLU B 1 -3.79 26.80 -16.20
N VAL B 2 -2.91 26.35 -17.10
CA VAL B 2 -1.73 27.16 -17.56
C VAL B 2 -2.20 28.28 -18.49
N GLN B 3 -1.75 29.51 -18.25
CA GLN B 3 -2.09 30.67 -19.11
C GLN B 3 -0.78 31.37 -19.50
N LEU B 4 -0.60 31.58 -20.80
CA LEU B 4 0.58 32.25 -21.40
C LEU B 4 0.07 33.40 -22.27
N VAL B 5 0.48 34.65 -22.00
CA VAL B 5 -0.02 35.87 -22.71
C VAL B 5 1.17 36.66 -23.24
N GLU B 6 1.36 36.67 -24.56
CA GLU B 6 2.48 37.36 -25.24
C GLU B 6 2.05 38.79 -25.62
N SER B 7 2.99 39.71 -25.60
CA SER B 7 2.81 41.10 -26.09
C SER B 7 4.18 41.66 -26.51
N GLY B 8 4.18 42.82 -27.17
CA GLY B 8 5.39 43.58 -27.53
C GLY B 8 5.64 43.55 -29.02
N GLY B 9 4.93 42.72 -29.77
CA GLY B 9 5.02 42.71 -31.23
C GLY B 9 4.70 44.09 -31.80
N GLY B 10 5.00 44.30 -33.07
CA GLY B 10 4.71 45.58 -33.75
C GLY B 10 5.21 45.54 -35.18
N LEU B 11 4.91 46.58 -35.93
CA LEU B 11 5.43 46.75 -37.31
C LEU B 11 6.65 47.65 -37.20
N VAL B 12 7.80 47.16 -37.63
CA VAL B 12 9.11 47.79 -37.32
C VAL B 12 9.98 47.70 -38.57
N GLN B 13 10.95 48.62 -38.69
CA GLN B 13 11.92 48.64 -39.80
C GLN B 13 13.06 47.70 -39.52
N PRO B 14 13.70 47.12 -40.56
CA PRO B 14 14.91 46.31 -40.37
C PRO B 14 15.96 47.13 -39.61
N GLY B 15 16.64 46.50 -38.65
CA GLY B 15 17.68 47.16 -37.86
C GLY B 15 17.13 47.70 -36.56
N ASN B 16 15.81 47.76 -36.45
CA ASN B 16 15.12 48.12 -35.18
C ASN B 16 15.09 46.90 -34.25
N SER B 17 14.73 47.18 -33.00
CA SER B 17 14.62 46.19 -31.89
C SER B 17 13.19 46.17 -31.33
N LEU B 18 12.84 45.08 -30.66
CA LEU B 18 11.53 44.88 -30.01
C LEU B 18 11.84 44.03 -28.79
N ARG B 19 11.12 44.18 -27.68
CA ARG B 19 11.23 43.28 -26.52
C ARG B 19 9.87 42.63 -26.37
N LEU B 20 9.81 41.30 -26.46
CA LEU B 20 8.52 40.58 -26.26
C LEU B 20 8.43 40.12 -24.81
N SER B 21 7.21 40.11 -24.29
CA SER B 21 6.90 39.63 -22.93
C SER B 21 5.96 38.44 -23.04
N CYS B 22 6.10 37.49 -22.13
CA CYS B 22 5.14 36.38 -21.95
C CYS B 22 4.81 36.28 -20.45
N ALA B 23 3.58 36.70 -20.11
CA ALA B 23 2.97 36.62 -18.76
C ALA B 23 2.47 35.19 -18.54
N ALA B 24 3.14 34.43 -17.69
CA ALA B 24 2.80 33.01 -17.45
C ALA B 24 2.01 32.91 -16.14
N SER B 25 0.93 32.16 -16.16
CA SER B 25 0.11 31.93 -14.95
C SER B 25 -0.34 30.46 -14.89
N GLY B 26 -0.51 29.94 -13.67
CA GLY B 26 -1.20 28.67 -13.38
C GLY B 26 -0.24 27.53 -13.13
N PHE B 27 1.04 27.80 -12.86
CA PHE B 27 2.07 26.77 -12.58
C PHE B 27 3.25 27.46 -11.87
N THR B 28 4.12 26.68 -11.25
CA THR B 28 5.38 27.16 -10.63
C THR B 28 6.37 27.47 -11.75
N PHE B 29 6.24 28.68 -12.30
CA PHE B 29 7.03 29.20 -13.45
C PHE B 29 8.49 28.78 -13.29
N SER B 30 9.08 29.05 -12.13
CA SER B 30 10.53 28.86 -11.84
C SER B 30 10.97 27.39 -11.97
N SER B 31 10.03 26.44 -11.95
CA SER B 31 10.35 25.00 -12.02
C SER B 31 10.51 24.54 -13.48
N PHE B 32 10.14 25.39 -14.43
CA PHE B 32 9.91 24.95 -15.84
C PHE B 32 10.80 25.74 -16.78
N GLY B 33 11.62 25.03 -17.55
CA GLY B 33 12.18 25.53 -18.81
C GLY B 33 11.09 26.12 -19.69
N MET B 34 11.41 27.25 -20.32
CA MET B 34 10.47 28.01 -21.18
C MET B 34 11.10 28.26 -22.56
N SER B 35 10.26 28.44 -23.57
CA SER B 35 10.66 28.52 -24.99
C SER B 35 9.94 29.68 -25.67
N TRP B 36 10.59 30.25 -26.69
CA TRP B 36 9.91 31.02 -27.75
C TRP B 36 9.92 30.23 -29.06
N VAL B 37 8.78 30.16 -29.73
CA VAL B 37 8.67 29.59 -31.10
C VAL B 37 8.02 30.65 -32.00
N ARG B 38 8.24 30.57 -33.31
CA ARG B 38 7.64 31.52 -34.27
C ARG B 38 7.04 30.77 -35.46
N GLN B 39 5.95 31.34 -35.99
CA GLN B 39 5.24 30.83 -37.20
C GLN B 39 5.21 31.95 -38.24
N ALA B 40 6.06 31.85 -39.26
CA ALA B 40 6.11 32.75 -40.43
C ALA B 40 5.10 32.24 -41.46
N PRO B 41 4.47 33.13 -42.25
CA PRO B 41 3.53 32.69 -43.28
C PRO B 41 4.27 31.88 -44.38
N GLY B 42 3.76 30.70 -44.74
CA GLY B 42 4.33 29.81 -45.79
C GLY B 42 5.60 29.08 -45.37
N LYS B 43 5.82 28.93 -44.06
CA LYS B 43 7.04 28.26 -43.51
C LYS B 43 6.62 27.30 -42.41
N GLY B 44 7.43 26.26 -42.19
CA GLY B 44 7.30 25.42 -40.98
C GLY B 44 7.47 26.27 -39.73
N LEU B 45 6.90 25.86 -38.59
CA LEU B 45 7.18 26.54 -37.30
C LEU B 45 8.69 26.50 -37.09
N GLU B 46 9.20 27.41 -36.27
CA GLU B 46 10.65 27.50 -36.03
C GLU B 46 10.88 27.76 -34.54
N TRP B 47 11.52 26.81 -33.85
CA TRP B 47 12.04 27.01 -32.48
C TRP B 47 13.07 28.16 -32.54
N VAL B 48 12.97 29.08 -31.59
CA VAL B 48 13.81 30.31 -31.55
C VAL B 48 14.80 30.20 -30.39
N SER B 49 14.32 29.95 -29.18
CA SER B 49 15.14 30.11 -27.95
C SER B 49 14.50 29.34 -26.79
N SER B 50 15.32 28.81 -25.89
CA SER B 50 14.88 28.15 -24.65
C SER B 50 15.74 28.63 -23.48
N ILE B 51 15.16 28.66 -22.29
CA ILE B 51 15.84 29.11 -21.04
C ILE B 51 15.48 28.13 -19.92
N SER B 52 16.46 27.67 -19.16
CA SER B 52 16.26 26.82 -17.96
C SER B 52 15.37 27.58 -16.97
N GLY B 53 14.75 26.85 -16.04
CA GLY B 53 13.87 27.39 -14.98
C GLY B 53 14.58 28.45 -14.15
N SER B 54 15.88 28.26 -13.87
CA SER B 54 16.71 29.19 -13.07
C SER B 54 17.04 30.46 -13.87
N GLY B 55 17.10 30.36 -15.20
CA GLY B 55 17.63 31.42 -16.08
C GLY B 55 19.11 31.20 -16.35
N SER B 56 19.69 30.14 -15.79
CA SER B 56 21.16 29.88 -15.85
C SER B 56 21.57 29.34 -17.23
N ASP B 57 20.73 28.55 -17.91
CA ASP B 57 21.09 27.89 -19.20
C ASP B 57 20.21 28.45 -20.32
N THR B 58 20.82 28.65 -21.48
CA THR B 58 20.21 29.41 -22.60
C THR B 58 20.54 28.70 -23.90
N LEU B 59 19.55 28.50 -24.77
CA LEU B 59 19.75 27.91 -26.12
C LEU B 59 19.09 28.81 -27.17
N TYR B 60 19.60 28.83 -28.39
CA TYR B 60 19.15 29.69 -29.51
C TYR B 60 19.24 28.90 -30.81
N ALA B 61 18.30 29.10 -31.75
CA ALA B 61 18.44 28.66 -33.17
C ALA B 61 19.58 29.48 -33.79
N ASP B 62 20.38 28.88 -34.69
CA ASP B 62 21.43 29.58 -35.46
C ASP B 62 20.85 30.83 -36.15
N SER B 63 19.60 30.80 -36.61
CA SER B 63 18.95 31.91 -37.36
C SER B 63 18.89 33.19 -36.51
N VAL B 64 19.00 33.11 -35.18
CA VAL B 64 18.84 34.31 -34.31
C VAL B 64 20.06 34.52 -33.41
N LYS B 65 21.08 33.67 -33.55
CA LYS B 65 22.28 33.73 -32.66
C LYS B 65 22.97 35.09 -32.86
N GLY B 66 23.36 35.75 -31.78
CA GLY B 66 24.05 37.07 -31.75
C GLY B 66 23.08 38.24 -31.81
N ARG B 67 21.79 38.03 -32.12
CA ARG B 67 20.79 39.13 -32.24
C ARG B 67 19.76 39.12 -31.11
N PHE B 68 19.30 37.93 -30.69
CA PHE B 68 18.21 37.75 -29.70
C PHE B 68 18.83 37.31 -28.37
N THR B 69 18.24 37.78 -27.28
CA THR B 69 18.60 37.37 -25.91
C THR B 69 17.30 36.93 -25.24
N ILE B 70 17.26 35.70 -24.74
CA ILE B 70 16.13 35.21 -23.91
C ILE B 70 16.50 35.53 -22.47
N SER B 71 15.50 35.83 -21.65
CA SER B 71 15.65 36.01 -20.19
C SER B 71 14.28 35.82 -19.55
N ARG B 72 14.24 35.76 -18.22
CA ARG B 72 13.00 35.56 -17.41
C ARG B 72 13.16 36.31 -16.09
N ASP B 73 12.03 36.75 -15.54
CA ASP B 73 11.87 37.29 -14.17
C ASP B 73 10.94 36.36 -13.40
N ASN B 74 11.49 35.51 -12.55
CA ASN B 74 10.73 34.46 -11.83
C ASN B 74 9.69 35.11 -10.91
N ALA B 75 10.09 36.17 -10.19
CA ALA B 75 9.20 36.94 -9.30
C ALA B 75 7.98 37.42 -10.08
N LYS B 76 8.14 37.96 -11.29
CA LYS B 76 6.99 38.53 -12.04
C LYS B 76 6.33 37.46 -12.95
N THR B 77 6.78 36.21 -12.85
CA THR B 77 6.37 35.07 -13.73
C THR B 77 6.28 35.55 -15.18
N THR B 78 7.37 36.13 -15.70
CA THR B 78 7.39 36.68 -17.07
C THR B 78 8.65 36.23 -17.81
N LEU B 79 8.44 35.83 -19.07
CA LEU B 79 9.53 35.48 -20.01
C LEU B 79 9.70 36.65 -20.98
N TYR B 80 10.93 36.93 -21.39
CA TYR B 80 11.25 38.06 -22.32
C TYR B 80 12.03 37.51 -23.52
N LEU B 81 11.85 38.17 -24.67
CA LEU B 81 12.78 38.04 -25.83
C LEU B 81 13.21 39.44 -26.29
N GLN B 82 14.48 39.77 -26.08
CA GLN B 82 15.09 41.02 -26.62
C GLN B 82 15.54 40.68 -28.03
N MET B 83 14.89 41.29 -29.02
CA MET B 83 15.19 41.04 -30.45
C MET B 83 15.85 42.31 -30.99
N ASN B 84 17.16 42.27 -31.29
CA ASN B 84 17.89 43.38 -31.95
C ASN B 84 18.17 43.04 -33.42
N SER B 85 18.67 44.03 -34.20
CA SER B 85 18.96 43.97 -35.66
C SER B 85 17.92 43.10 -36.37
N LEU B 86 16.66 43.44 -36.21
CA LEU B 86 15.56 42.64 -36.80
C LEU B 86 15.69 42.64 -38.31
N ARG B 87 15.23 41.55 -38.94
CA ARG B 87 15.32 41.34 -40.40
C ARG B 87 13.97 40.95 -40.96
N PRO B 88 13.71 41.19 -42.27
CA PRO B 88 12.49 40.73 -42.94
C PRO B 88 12.13 39.27 -42.62
N GLU B 89 13.12 38.37 -42.65
CA GLU B 89 13.03 36.92 -42.33
C GLU B 89 12.47 36.65 -40.92
N ASP B 90 12.57 37.62 -40.01
CA ASP B 90 12.11 37.51 -38.61
C ASP B 90 10.60 37.71 -38.54
N THR B 91 9.96 38.12 -39.63
CA THR B 91 8.49 38.37 -39.61
C THR B 91 7.78 37.06 -39.26
N ALA B 92 6.93 37.06 -38.23
CA ALA B 92 6.25 35.85 -37.71
C ALA B 92 5.34 36.22 -36.54
N VAL B 93 4.44 35.31 -36.17
CA VAL B 93 3.77 35.28 -34.83
C VAL B 93 4.76 34.59 -33.89
N TYR B 94 5.12 35.26 -32.79
CA TYR B 94 5.98 34.72 -31.72
C TYR B 94 5.06 34.24 -30.61
N TYR B 95 5.32 33.03 -30.10
CA TYR B 95 4.58 32.48 -28.95
C TYR B 95 5.58 31.83 -27.99
N CYS B 96 5.33 31.99 -26.69
CA CYS B 96 6.09 31.28 -25.63
C CYS B 96 5.39 29.93 -25.39
N THR B 97 6.16 28.89 -25.12
CA THR B 97 5.69 27.52 -24.81
C THR B 97 6.47 27.03 -23.59
N ILE B 98 5.96 26.04 -22.87
CA ILE B 98 6.68 25.40 -21.73
C ILE B 98 7.59 24.31 -22.31
N GLY B 99 8.84 24.25 -21.86
CA GLY B 99 9.70 23.06 -22.00
C GLY B 99 9.87 22.59 -23.45
N GLY B 100 9.93 23.52 -24.41
CA GLY B 100 10.32 23.19 -25.79
C GLY B 100 9.18 22.63 -26.62
N SER B 101 7.94 22.67 -26.12
CA SER B 101 6.75 22.33 -26.95
C SER B 101 6.77 23.24 -28.18
N LEU B 102 6.45 22.69 -29.36
CA LEU B 102 6.50 23.41 -30.65
C LEU B 102 5.12 23.97 -30.97
N SER B 103 4.06 23.43 -30.35
CA SER B 103 2.65 23.76 -30.67
C SER B 103 2.26 25.10 -30.00
N ARG B 104 1.54 25.97 -30.71
CA ARG B 104 1.08 27.28 -30.19
C ARG B 104 -0.12 27.04 -29.26
N SER B 105 -0.05 27.45 -28.01
CA SER B 105 -1.11 27.24 -26.99
C SER B 105 -1.59 28.58 -26.44
N SER B 106 -1.47 29.63 -27.24
CA SER B 106 -1.57 31.06 -26.83
C SER B 106 -2.00 31.91 -28.03
N GLN B 107 -2.41 33.15 -27.80
CA GLN B 107 -2.76 34.10 -28.90
C GLN B 107 -1.50 34.42 -29.71
N GLY B 108 -0.32 34.47 -29.07
CA GLY B 108 0.93 34.91 -29.72
C GLY B 108 0.98 36.42 -29.88
N THR B 109 2.01 36.93 -30.57
CA THR B 109 2.15 38.37 -30.87
C THR B 109 2.82 38.51 -32.25
N LEU B 110 2.25 39.36 -33.10
CA LEU B 110 2.70 39.54 -34.50
C LEU B 110 3.91 40.46 -34.49
N VAL B 111 4.98 40.02 -35.15
CA VAL B 111 6.16 40.89 -35.46
C VAL B 111 6.25 40.94 -36.99
N THR B 112 6.07 42.13 -37.57
CA THR B 112 6.28 42.39 -39.01
C THR B 112 7.50 43.31 -39.16
N VAL B 113 8.52 42.83 -39.85
CA VAL B 113 9.74 43.61 -40.19
C VAL B 113 9.64 43.94 -41.68
N SER B 114 9.45 45.20 -42.02
CA SER B 114 9.13 45.71 -43.39
C SER B 114 10.38 46.33 -44.00
N SER B 115 10.77 45.97 -45.23
CA SER B 115 11.99 46.49 -45.90
C SER B 115 12.00 48.02 -45.87
#